data_6R4T
#
_entry.id   6R4T
#
_cell.length_a   111.090
_cell.length_b   118.970
_cell.length_c   150.720
_cell.angle_alpha   90.000
_cell.angle_beta   90.000
_cell.angle_gamma   90.000
#
_symmetry.space_group_name_H-M   'C 2 2 21'
#
loop_
_entity.id
_entity.type
_entity.pdbx_description
1 polymer 'DNA primase small subunit'
2 non-polymer 'ZINC ION'
3 non-polymer 'MANGANESE (II) ION'
4 non-polymer 9-{5-O-[(S)-hydroxy{[(R)-hydroxy(phosphonooxy)phosphoryl]oxy}phosphoryl]-beta-D-arabinofuranosyl}-9H-purin-6-amine
5 non-polymer 1,2-ETHANEDIOL
6 water water
#
_entity_poly.entity_id   1
_entity_poly.type   'polypeptide(L)'
_entity_poly.pdbx_seq_one_letter_code
;GTSMETFDPTELPELLKLYYRRLFPYSQYYRWLNYGGVIKNYFQHREFSFTLKDDIYIRYQSFNNQSDLEKEMQKMNPYK
IDIGAVYSHRPNQHNTVKLGAFQAQEKELVFDIDMTDYDDVRRCCSSADICPKCWTLMTMAIRIIDRALKEDFGFKHRLW
VYSGRRGVHCWVCDESVRKLSSAVRSGIVEYLSLVKGGQDVKKKVHLSEKIHPFIRKSINIIKKYFEEYALVNQDILENK
ESWDKILALVPETIHDELQQSFQKSHNSLQRWEHLKKVASRYQNNIKNDKYGPWLEWEIMLQYCFPRLDINVSKGINHLL
KSPFSVHPKTGRISVPIDLQKVDQFDPFTVPTISFICRELDAISTNEEEKEENEAESDVKHRTRDYKKTSLAPYVKVFEH
FLENLDKSRK
;
_entity_poly.pdbx_strand_id   A,D
#
loop_
_chem_comp.id
_chem_comp.type
_chem_comp.name
_chem_comp.formula
EDO non-polymer 1,2-ETHANEDIOL 'C2 H6 O2'
HEJ non-polymer 9-{5-O-[(S)-hydroxy{[(R)-hydroxy(phosphonooxy)phosphoryl]oxy}phosphoryl]-beta-D-arabinofuranosyl}-9H-purin-6-amine 'C10 H16 N5 O13 P3'
MN non-polymer 'MANGANESE (II) ION' 'Mn 2'
ZN non-polymer 'ZINC ION' 'Zn 2'
#
# COMPACT_ATOMS: atom_id res chain seq x y z
N PRO A 9 4.34 14.84 1.48
CA PRO A 9 4.43 15.93 2.45
C PRO A 9 4.19 17.33 1.90
N THR A 10 4.91 17.72 0.85
CA THR A 10 4.74 19.05 0.27
C THR A 10 3.41 19.19 -0.45
N GLU A 11 2.80 18.08 -0.87
CA GLU A 11 1.50 18.11 -1.54
C GLU A 11 0.34 18.31 -0.58
N LEU A 12 0.55 18.16 0.73
CA LEU A 12 -0.57 18.12 1.65
C LEU A 12 -1.43 19.37 1.59
N PRO A 13 -0.88 20.58 1.54
CA PRO A 13 -1.76 21.78 1.56
C PRO A 13 -2.85 21.77 0.49
N GLU A 14 -2.51 21.60 -0.79
CA GLU A 14 -3.55 21.68 -1.82
C GLU A 14 -4.50 20.49 -1.77
N LEU A 15 -4.00 19.31 -1.42
CA LEU A 15 -4.86 18.15 -1.26
C LEU A 15 -5.84 18.35 -0.12
N LEU A 16 -5.36 18.87 1.01
CA LEU A 16 -6.22 19.17 2.15
C LEU A 16 -7.25 20.21 1.78
N LYS A 17 -6.87 21.23 1.00
CA LYS A 17 -7.83 22.25 0.61
C LYS A 17 -8.98 21.62 -0.17
N LEU A 18 -8.65 20.74 -1.13
CA LEU A 18 -9.71 20.08 -1.89
C LEU A 18 -10.52 19.14 -0.99
N TYR A 19 -9.85 18.40 -0.11
CA TYR A 19 -10.52 17.47 0.77
C TYR A 19 -11.56 18.19 1.64
N TYR A 20 -11.14 19.26 2.31
CA TYR A 20 -12.04 20.02 3.17
C TYR A 20 -13.08 20.82 2.40
N ARG A 21 -12.91 21.01 1.09
CA ARG A 21 -13.89 21.75 0.32
C ARG A 21 -14.95 20.87 -0.31
N ARG A 22 -14.61 19.64 -0.70
CA ARG A 22 -15.51 18.82 -1.48
C ARG A 22 -15.70 17.40 -0.96
N LEU A 23 -14.94 16.96 0.04
CA LEU A 23 -14.95 15.56 0.43
C LEU A 23 -15.26 15.32 1.90
N PHE A 24 -14.88 16.22 2.79
CA PHE A 24 -15.10 15.98 4.21
C PHE A 24 -16.59 15.93 4.52
N PRO A 25 -17.09 14.86 5.14
CA PRO A 25 -18.55 14.75 5.38
C PRO A 25 -19.01 15.64 6.55
N TYR A 26 -19.29 16.92 6.23
CA TYR A 26 -19.58 17.89 7.27
C TYR A 26 -20.93 17.62 7.94
N SER A 27 -21.96 17.33 7.14
N SER A 27 -21.96 17.33 7.14
CA SER A 27 -23.30 17.12 7.70
CA SER A 27 -23.30 17.12 7.70
C SER A 27 -23.29 15.97 8.70
C SER A 27 -23.29 15.97 8.70
N GLN A 28 -22.69 14.84 8.33
CA GLN A 28 -22.63 13.69 9.23
C GLN A 28 -21.82 14.01 10.48
N TYR A 29 -20.73 14.76 10.31
CA TYR A 29 -19.86 15.11 11.43
C TYR A 29 -20.58 15.99 12.44
N TYR A 30 -21.35 16.96 11.94
CA TYR A 30 -22.13 17.81 12.82
C TYR A 30 -23.25 17.04 13.49
N ARG A 31 -23.96 16.18 12.74
CA ARG A 31 -24.97 15.35 13.37
C ARG A 31 -24.39 14.61 14.56
N TRP A 32 -23.19 14.06 14.39
CA TRP A 32 -22.52 13.33 15.45
C TRP A 32 -22.30 14.23 16.66
N LEU A 33 -21.45 15.24 16.49
CA LEU A 33 -21.02 16.00 17.67
C LEU A 33 -22.09 16.95 18.18
N ASN A 34 -23.22 17.09 17.49
CA ASN A 34 -24.34 17.87 18.01
C ASN A 34 -25.32 17.02 18.81
N TYR A 35 -25.38 15.72 18.55
CA TYR A 35 -26.21 14.83 19.36
C TYR A 35 -27.64 15.35 19.44
N GLY A 36 -28.23 15.61 18.28
CA GLY A 36 -29.63 15.98 18.19
C GLY A 36 -29.98 17.36 18.71
N GLY A 37 -29.02 18.12 19.21
CA GLY A 37 -29.30 19.46 19.70
C GLY A 37 -30.20 19.44 20.91
N VAL A 38 -30.35 18.27 21.53
CA VAL A 38 -31.27 18.16 22.66
C VAL A 38 -30.73 18.95 23.85
N ILE A 39 -29.42 18.92 24.07
CA ILE A 39 -28.76 19.71 25.10
C ILE A 39 -28.29 21.03 24.51
N LYS A 40 -28.35 22.09 25.32
CA LYS A 40 -27.94 23.41 24.89
C LYS A 40 -26.42 23.55 24.91
N ASN A 41 -25.88 24.18 23.86
CA ASN A 41 -24.46 24.50 23.80
C ASN A 41 -23.57 23.26 23.89
N TYR A 42 -24.11 22.10 23.51
CA TYR A 42 -23.31 20.88 23.56
C TYR A 42 -22.23 20.90 22.49
N PHE A 43 -22.58 21.31 21.27
CA PHE A 43 -21.59 21.45 20.22
C PHE A 43 -20.78 22.74 20.36
N GLN A 44 -21.40 23.81 20.86
CA GLN A 44 -20.72 25.09 20.97
C GLN A 44 -19.62 25.07 22.03
N HIS A 45 -19.72 24.17 23.01
CA HIS A 45 -18.75 24.05 24.08
C HIS A 45 -17.73 22.93 23.84
N ARG A 46 -17.67 22.40 22.61
CA ARG A 46 -16.76 21.31 22.28
C ARG A 46 -15.40 21.88 21.89
N GLU A 47 -14.34 21.33 22.48
CA GLU A 47 -12.99 21.71 22.08
C GLU A 47 -12.57 20.93 20.83
N PHE A 48 -12.11 21.65 19.82
CA PHE A 48 -11.36 21.09 18.72
C PHE A 48 -9.94 21.62 18.78
N SER A 49 -8.98 20.82 18.34
CA SER A 49 -7.57 21.23 18.29
C SER A 49 -7.04 20.93 16.89
N PHE A 50 -6.72 21.99 16.15
CA PHE A 50 -6.20 21.85 14.79
C PHE A 50 -4.66 21.85 14.80
N THR A 51 -4.07 20.87 14.12
CA THR A 51 -2.64 20.87 13.83
C THR A 51 -2.41 21.36 12.40
N LEU A 52 -1.58 22.41 12.28
CA LEU A 52 -1.21 23.11 11.06
C LEU A 52 0.15 22.62 10.55
N LYS A 53 0.79 23.43 9.69
CA LYS A 53 2.13 23.10 9.23
C LYS A 53 3.14 23.18 10.37
N ASP A 54 4.24 22.44 10.23
CA ASP A 54 5.39 22.56 11.11
C ASP A 54 5.07 22.16 12.54
N ASP A 55 4.16 21.20 12.69
CA ASP A 55 3.76 20.67 14.00
C ASP A 55 3.19 21.74 14.93
N ILE A 56 2.70 22.85 14.36
CA ILE A 56 2.01 23.87 15.13
C ILE A 56 0.55 23.48 15.30
N TYR A 57 0.05 23.56 16.54
CA TYR A 57 -1.35 23.26 16.82
C TYR A 57 -1.92 24.33 17.75
N ILE A 58 -3.24 24.48 17.68
CA ILE A 58 -3.99 25.40 18.53
C ILE A 58 -5.02 24.60 19.31
N ARG A 59 -5.13 24.88 20.61
CA ARG A 59 -6.09 24.20 21.46
C ARG A 59 -7.23 25.15 21.82
N TYR A 60 -8.27 24.58 22.42
CA TYR A 60 -9.44 25.33 22.89
C TYR A 60 -10.09 26.14 21.76
N GLN A 61 -10.38 25.46 20.66
CA GLN A 61 -11.15 26.02 19.56
C GLN A 61 -12.56 25.46 19.57
N SER A 62 -13.53 26.32 19.29
CA SER A 62 -14.94 25.93 19.27
C SER A 62 -15.68 26.76 18.24
N PHE A 63 -16.85 26.27 17.84
CA PHE A 63 -17.61 26.87 16.75
C PHE A 63 -19.10 26.89 17.09
N ASN A 64 -19.82 27.79 16.44
CA ASN A 64 -21.22 28.04 16.77
C ASN A 64 -22.17 27.04 16.11
N ASN A 65 -21.81 26.50 14.96
CA ASN A 65 -22.70 25.63 14.19
C ASN A 65 -21.90 25.01 13.05
N GLN A 66 -22.60 24.28 12.18
CA GLN A 66 -21.94 23.58 11.08
C GLN A 66 -21.23 24.56 10.15
N SER A 67 -21.93 25.62 9.74
CA SER A 67 -21.35 26.59 8.81
C SER A 67 -20.05 27.19 9.34
N ASP A 68 -20.03 27.56 10.62
CA ASP A 68 -18.84 28.17 11.20
C ASP A 68 -17.67 27.19 11.18
N LEU A 69 -17.96 25.90 11.41
CA LEU A 69 -16.92 24.88 11.37
C LEU A 69 -16.39 24.69 9.95
N GLU A 70 -17.28 24.64 8.97
CA GLU A 70 -16.84 24.53 7.58
C GLU A 70 -15.92 25.68 7.22
N LYS A 71 -16.32 26.91 7.55
CA LYS A 71 -15.51 28.06 7.15
C LYS A 71 -14.15 28.02 7.83
N GLU A 72 -14.10 27.62 9.10
CA GLU A 72 -12.81 27.60 9.80
C GLU A 72 -11.92 26.48 9.28
N MET A 73 -12.50 25.32 8.94
CA MET A 73 -11.68 24.23 8.44
C MET A 73 -11.14 24.54 7.04
N GLN A 74 -11.99 25.10 6.18
CA GLN A 74 -11.55 25.52 4.86
C GLN A 74 -10.58 26.69 4.91
N LYS A 75 -10.57 27.43 6.02
CA LYS A 75 -9.63 28.54 6.18
C LYS A 75 -8.28 28.08 6.72
N MET A 76 -8.28 27.16 7.67
CA MET A 76 -7.03 26.69 8.26
C MET A 76 -6.42 25.51 7.51
N ASN A 77 -7.26 24.68 6.89
CA ASN A 77 -6.82 23.47 6.21
C ASN A 77 -5.85 22.68 7.10
N PRO A 78 -6.30 22.28 8.29
CA PRO A 78 -5.38 21.64 9.24
C PRO A 78 -4.86 20.31 8.75
N TYR A 79 -3.60 20.02 9.08
CA TYR A 79 -3.06 18.70 8.80
C TYR A 79 -3.76 17.65 9.64
N LYS A 80 -4.11 18.00 10.87
CA LYS A 80 -4.73 17.04 11.80
C LYS A 80 -5.80 17.73 12.63
N ILE A 81 -6.82 16.95 13.02
CA ILE A 81 -7.93 17.44 13.82
C ILE A 81 -8.09 16.53 15.02
N ASP A 82 -8.07 17.13 16.22
CA ASP A 82 -8.32 16.42 17.46
C ASP A 82 -9.63 16.90 18.07
N ILE A 83 -10.39 15.96 18.62
CA ILE A 83 -11.63 16.24 19.34
C ILE A 83 -11.33 16.22 20.82
N GLY A 84 -11.83 17.22 21.55
CA GLY A 84 -11.69 17.30 22.97
C GLY A 84 -12.98 17.04 23.70
N ALA A 85 -13.08 17.58 24.91
CA ALA A 85 -14.26 17.40 25.74
C ALA A 85 -15.22 18.57 25.57
N VAL A 86 -16.44 18.37 26.05
CA VAL A 86 -17.42 19.46 26.16
C VAL A 86 -17.15 20.19 27.47
N TYR A 87 -17.00 21.49 27.40
CA TYR A 87 -16.59 22.28 28.55
C TYR A 87 -17.76 23.08 29.11
N SER A 88 -17.49 23.74 30.24
CA SER A 88 -18.51 24.54 30.91
C SER A 88 -18.82 25.81 30.14
N HIS A 89 -17.85 26.35 29.41
CA HIS A 89 -18.05 27.52 28.58
C HIS A 89 -17.50 27.27 27.19
N ARG A 90 -17.58 28.30 26.35
CA ARG A 90 -16.99 28.25 25.02
C ARG A 90 -15.48 28.11 25.18
N PRO A 91 -14.86 27.03 24.71
CA PRO A 91 -13.39 26.94 24.86
C PRO A 91 -12.66 28.15 24.30
N ASN A 92 -13.12 28.67 23.15
CA ASN A 92 -12.47 29.83 22.55
C ASN A 92 -12.67 31.10 23.37
N GLN A 93 -13.49 31.07 24.42
CA GLN A 93 -13.64 32.19 25.35
C GLN A 93 -13.04 31.88 26.71
N HIS A 94 -12.28 30.78 26.84
CA HIS A 94 -11.86 30.31 28.15
C HIS A 94 -10.99 31.33 28.89
N ASN A 95 -10.36 32.26 28.19
CA ASN A 95 -9.54 33.26 28.85
C ASN A 95 -10.38 34.34 29.51
N THR A 96 -11.60 34.56 29.02
CA THR A 96 -12.51 35.51 29.64
C THR A 96 -13.12 34.97 30.94
N VAL A 97 -13.09 33.65 31.14
CA VAL A 97 -13.70 33.04 32.31
C VAL A 97 -12.80 33.21 33.52
N LYS A 98 -13.40 33.39 34.69
CA LYS A 98 -12.61 33.50 35.92
C LYS A 98 -11.92 32.18 36.22
N LEU A 99 -10.70 32.25 36.76
CA LEU A 99 -9.91 31.05 36.97
C LEU A 99 -10.66 30.07 37.87
N GLY A 100 -10.51 28.78 37.56
CA GLY A 100 -11.17 27.72 38.27
C GLY A 100 -12.55 27.36 37.75
N ALA A 101 -13.21 28.27 37.03
CA ALA A 101 -14.55 28.01 36.56
C ALA A 101 -14.58 27.21 35.27
N PHE A 102 -13.60 27.43 34.39
CA PHE A 102 -13.53 26.69 33.13
C PHE A 102 -13.11 25.25 33.44
N GLN A 103 -14.02 24.32 33.19
CA GLN A 103 -13.84 22.92 33.57
C GLN A 103 -14.38 21.99 32.50
N ALA A 104 -13.67 20.89 32.27
CA ALA A 104 -14.18 19.82 31.42
C ALA A 104 -15.34 19.12 32.11
N GLN A 105 -16.39 18.83 31.34
CA GLN A 105 -17.62 18.29 31.91
C GLN A 105 -18.01 16.94 31.35
N GLU A 106 -17.97 16.76 30.03
CA GLU A 106 -18.38 15.51 29.41
C GLU A 106 -17.49 15.21 28.21
N LYS A 107 -17.33 13.92 27.93
CA LYS A 107 -16.64 13.49 26.72
C LYS A 107 -16.89 12.00 26.54
N GLU A 108 -16.95 11.58 25.27
CA GLU A 108 -17.16 10.18 24.96
C GLU A 108 -16.09 9.33 25.63
N LEU A 109 -16.42 8.07 25.90
CA LEU A 109 -15.43 7.14 26.43
C LEU A 109 -14.60 6.60 25.26
N VAL A 110 -13.30 6.84 25.28
CA VAL A 110 -12.46 6.53 24.14
C VAL A 110 -11.42 5.48 24.49
N PHE A 111 -11.11 4.65 23.52
CA PHE A 111 -10.03 3.67 23.63
C PHE A 111 -9.09 3.82 22.43
N ASP A 112 -7.79 3.66 22.68
CA ASP A 112 -6.76 3.78 21.65
C ASP A 112 -5.84 2.58 21.75
N ILE A 113 -5.77 1.78 20.69
CA ILE A 113 -4.95 0.58 20.67
C ILE A 113 -3.88 0.75 19.62
N ASP A 114 -2.62 0.71 20.08
CA ASP A 114 -1.44 0.86 19.24
C ASP A 114 -0.80 -0.50 19.02
N MET A 115 -0.49 -0.83 17.77
CA MET A 115 0.18 -2.09 17.47
C MET A 115 1.58 -2.13 18.05
N THR A 116 2.21 -0.97 18.27
CA THR A 116 3.55 -0.94 18.85
C THR A 116 3.59 -1.66 20.19
N ASP A 117 2.49 -1.62 20.94
CA ASP A 117 2.43 -2.25 22.25
C ASP A 117 2.50 -3.77 22.17
N TYR A 118 2.48 -4.33 20.96
CA TYR A 118 2.62 -5.76 20.77
C TYR A 118 4.00 -6.16 20.24
N ASP A 119 4.97 -5.23 20.24
CA ASP A 119 6.27 -5.55 19.67
C ASP A 119 6.88 -6.79 20.32
N ASP A 120 6.66 -6.98 21.63
CA ASP A 120 7.22 -8.13 22.33
C ASP A 120 6.64 -9.46 21.83
N VAL A 121 5.47 -9.45 21.20
CA VAL A 121 4.83 -10.66 20.70
C VAL A 121 4.59 -10.61 19.20
N ARG A 122 5.21 -9.67 18.49
CA ARG A 122 5.19 -9.61 17.04
C ARG A 122 6.52 -10.07 16.48
N ARG A 123 6.48 -10.97 15.50
CA ARG A 123 7.68 -11.46 14.82
C ARG A 123 7.79 -10.95 13.40
N CYS A 124 6.81 -10.19 12.91
CA CYS A 124 6.78 -9.72 11.53
C CYS A 124 7.06 -8.24 11.38
N CYS A 125 6.56 -7.40 12.28
CA CYS A 125 6.74 -5.95 12.20
C CYS A 125 7.29 -5.45 13.52
N SER A 126 7.56 -4.14 13.57
CA SER A 126 8.00 -3.48 14.79
C SER A 126 7.67 -2.00 14.67
N SER A 127 7.65 -1.33 15.82
CA SER A 127 7.44 0.13 15.85
C SER A 127 6.10 0.41 15.17
N ALA A 128 6.01 1.42 14.31
CA ALA A 128 4.76 1.82 13.68
C ALA A 128 4.42 1.02 12.43
N ASP A 129 5.15 -0.06 12.16
CA ASP A 129 4.87 -0.89 10.99
C ASP A 129 3.69 -1.83 11.26
N ILE A 130 2.90 -2.09 10.21
CA ILE A 130 1.83 -3.06 10.26
C ILE A 130 1.86 -3.88 8.97
N CYS A 131 1.23 -5.05 9.03
CA CYS A 131 1.15 -5.93 7.87
C CYS A 131 -0.02 -6.88 8.07
N PRO A 132 -0.47 -7.56 7.02
CA PRO A 132 -1.60 -8.49 7.18
C PRO A 132 -1.36 -9.61 8.17
N LYS A 133 -0.10 -9.97 8.44
CA LYS A 133 0.14 -11.08 9.36
C LYS A 133 -0.22 -10.72 10.80
N CYS A 134 -0.01 -9.47 11.19
CA CYS A 134 -0.24 -9.07 12.57
C CYS A 134 -1.48 -8.21 12.75
N TRP A 135 -2.14 -7.79 11.66
CA TRP A 135 -3.36 -7.01 11.82
C TRP A 135 -4.46 -7.80 12.50
N THR A 136 -4.38 -9.14 12.48
CA THR A 136 -5.37 -9.94 13.18
C THR A 136 -5.43 -9.59 14.65
N LEU A 137 -4.33 -9.10 15.23
CA LEU A 137 -4.37 -8.63 16.62
C LEU A 137 -5.50 -7.62 16.79
N MET A 138 -5.55 -6.63 15.92
CA MET A 138 -6.60 -5.62 16.01
C MET A 138 -7.96 -6.25 15.81
N THR A 139 -8.06 -7.22 14.89
CA THR A 139 -9.34 -7.91 14.70
C THR A 139 -9.80 -8.52 16.01
N MET A 140 -8.89 -9.19 16.73
CA MET A 140 -9.27 -9.75 18.02
C MET A 140 -9.56 -8.63 19.01
N ALA A 141 -8.79 -7.55 18.94
CA ALA A 141 -8.92 -6.48 19.90
C ALA A 141 -10.29 -5.82 19.78
N ILE A 142 -10.76 -5.63 18.55
CA ILE A 142 -12.09 -5.06 18.34
C ILE A 142 -13.14 -6.02 18.89
N ARG A 143 -13.00 -7.32 18.60
CA ARG A 143 -14.06 -8.25 18.98
C ARG A 143 -14.13 -8.42 20.50
N ILE A 144 -12.96 -8.51 21.16
CA ILE A 144 -12.93 -8.70 22.60
C ILE A 144 -13.50 -7.49 23.32
N ILE A 145 -13.04 -6.30 22.95
CA ILE A 145 -13.44 -5.10 23.68
C ILE A 145 -14.89 -4.75 23.36
N ASP A 146 -15.23 -4.75 22.07
CA ASP A 146 -16.57 -4.34 21.67
C ASP A 146 -17.62 -5.25 22.29
N ARG A 147 -17.35 -6.55 22.39
CA ARG A 147 -18.28 -7.43 23.08
C ARG A 147 -18.49 -6.96 24.52
N ALA A 148 -17.38 -6.77 25.26
CA ALA A 148 -17.49 -6.39 26.66
C ALA A 148 -18.26 -5.08 26.82
N LEU A 149 -17.99 -4.10 25.95
CA LEU A 149 -18.71 -2.84 26.02
C LEU A 149 -20.19 -3.06 25.74
N LYS A 150 -20.51 -3.88 24.74
CA LYS A 150 -21.90 -4.08 24.35
C LYS A 150 -22.63 -4.93 25.39
N GLU A 151 -22.07 -6.10 25.72
CA GLU A 151 -22.79 -7.09 26.51
C GLU A 151 -22.62 -6.89 28.01
N ASP A 152 -21.41 -6.61 28.48
CA ASP A 152 -21.17 -6.53 29.91
C ASP A 152 -21.57 -5.17 30.48
N PHE A 153 -21.43 -4.10 29.70
CA PHE A 153 -21.70 -2.76 30.19
C PHE A 153 -22.97 -2.14 29.62
N GLY A 154 -23.57 -2.74 28.60
CA GLY A 154 -24.78 -2.22 28.02
C GLY A 154 -24.63 -1.02 27.12
N PHE A 155 -23.41 -0.68 26.72
CA PHE A 155 -23.20 0.46 25.83
C PHE A 155 -23.67 0.11 24.42
N LYS A 156 -24.47 1.00 23.82
CA LYS A 156 -25.16 0.70 22.58
C LYS A 156 -24.60 1.40 21.35
N HIS A 157 -23.84 2.47 21.51
CA HIS A 157 -23.38 3.30 20.40
C HIS A 157 -21.85 3.33 20.41
N ARG A 158 -21.23 2.49 19.58
CA ARG A 158 -19.79 2.29 19.57
C ARG A 158 -19.28 2.49 18.17
N LEU A 159 -18.41 3.48 17.98
CA LEU A 159 -17.81 3.78 16.69
C LEU A 159 -16.35 3.36 16.70
N TRP A 160 -16.00 2.34 15.93
CA TRP A 160 -14.62 1.89 15.79
C TRP A 160 -14.02 2.52 14.54
N VAL A 161 -12.82 3.09 14.69
CA VAL A 161 -12.18 3.89 13.66
C VAL A 161 -10.76 3.40 13.46
N TYR A 162 -10.32 3.33 12.20
CA TYR A 162 -8.91 3.07 11.90
C TYR A 162 -8.12 4.35 12.14
N SER A 163 -7.06 4.23 12.95
CA SER A 163 -6.33 5.43 13.35
C SER A 163 -5.50 6.03 12.22
N GLY A 164 -5.20 5.24 11.19
CA GLY A 164 -4.48 5.74 10.03
C GLY A 164 -3.07 5.20 9.87
N ARG A 165 -2.52 4.55 10.89
CA ARG A 165 -1.16 4.02 10.77
C ARG A 165 -1.03 2.67 11.46
N ARG A 166 -1.15 2.65 12.79
CA ARG A 166 -0.72 1.50 13.57
C ARG A 166 -1.78 0.95 14.52
N GLY A 167 -3.04 1.33 14.40
CA GLY A 167 -4.01 0.79 15.31
C GLY A 167 -5.40 1.34 15.09
N VAL A 168 -6.20 1.27 16.16
CA VAL A 168 -7.62 1.62 16.07
C VAL A 168 -8.05 2.43 17.29
N HIS A 169 -9.13 3.16 17.12
CA HIS A 169 -9.80 3.91 18.17
C HIS A 169 -11.23 3.41 18.33
N CYS A 170 -11.76 3.61 19.53
CA CYS A 170 -13.18 3.36 19.79
C CYS A 170 -13.78 4.57 20.51
N TRP A 171 -14.93 5.03 20.00
CA TRP A 171 -15.71 6.11 20.59
C TRP A 171 -17.01 5.51 21.11
N VAL A 172 -17.17 5.48 22.43
CA VAL A 172 -18.42 5.09 23.07
C VAL A 172 -19.18 6.36 23.41
N CYS A 173 -20.37 6.50 22.82
CA CYS A 173 -21.06 7.78 22.76
C CYS A 173 -22.43 7.77 23.44
N ASP A 174 -22.78 6.72 24.18
CA ASP A 174 -24.04 6.75 24.92
C ASP A 174 -24.04 7.95 25.86
N GLU A 175 -25.18 8.66 25.93
CA GLU A 175 -25.19 9.94 26.62
C GLU A 175 -24.81 9.80 28.10
N SER A 176 -25.18 8.72 28.78
CA SER A 176 -24.74 8.53 30.15
C SER A 176 -23.25 8.18 30.19
N VAL A 177 -22.73 7.53 29.13
CA VAL A 177 -21.29 7.24 29.13
C VAL A 177 -20.54 8.54 28.98
N ARG A 178 -21.08 9.49 28.22
CA ARG A 178 -20.40 10.77 28.04
C ARG A 178 -20.31 11.55 29.34
N LYS A 179 -21.13 11.19 30.33
CA LYS A 179 -21.16 11.85 31.63
C LYS A 179 -20.25 11.19 32.66
N LEU A 180 -19.67 10.03 32.35
CA LEU A 180 -18.91 9.30 33.34
C LEU A 180 -17.71 10.10 33.81
N SER A 181 -17.28 9.81 35.05
CA SER A 181 -16.14 10.46 35.66
C SER A 181 -14.85 9.72 35.28
N SER A 182 -13.71 10.32 35.64
CA SER A 182 -12.43 9.68 35.40
C SER A 182 -12.29 8.40 36.19
N ALA A 183 -12.78 8.38 37.43
CA ALA A 183 -12.66 7.19 38.26
C ALA A 183 -13.39 6.01 37.64
N VAL A 184 -14.63 6.24 37.21
CA VAL A 184 -15.40 5.16 36.56
C VAL A 184 -14.74 4.72 35.26
N ARG A 185 -14.17 5.68 34.51
CA ARG A 185 -13.52 5.31 33.25
C ARG A 185 -12.32 4.40 33.51
N SER A 186 -11.46 4.76 34.47
CA SER A 186 -10.35 3.91 34.82
C SER A 186 -10.83 2.57 35.37
N GLY A 187 -11.97 2.56 36.06
CA GLY A 187 -12.53 1.29 36.53
C GLY A 187 -12.96 0.40 35.38
N ILE A 188 -13.52 1.00 34.33
CA ILE A 188 -13.87 0.23 33.13
C ILE A 188 -12.60 -0.33 32.50
N VAL A 189 -11.56 0.49 32.42
CA VAL A 189 -10.29 0.03 31.86
C VAL A 189 -9.76 -1.15 32.67
N GLU A 190 -9.76 -1.03 34.00
CA GLU A 190 -9.29 -2.12 34.84
C GLU A 190 -10.09 -3.38 34.57
N TYR A 191 -11.42 -3.26 34.46
CA TYR A 191 -12.25 -4.41 34.14
C TYR A 191 -11.79 -5.06 32.84
N LEU A 192 -11.38 -4.24 31.86
CA LEU A 192 -11.02 -4.74 30.54
C LEU A 192 -9.58 -5.21 30.41
N SER A 193 -8.71 -4.93 31.38
CA SER A 193 -7.27 -5.13 31.22
C SER A 193 -6.81 -6.47 31.82
N LEU A 194 -5.97 -7.19 31.08
CA LEU A 194 -5.38 -8.42 31.57
C LEU A 194 -3.86 -8.48 31.40
N VAL A 195 -3.33 -7.79 30.39
CA VAL A 195 -1.90 -7.80 30.11
C VAL A 195 -1.29 -6.58 30.81
N LYS A 196 -0.55 -6.83 31.90
CA LYS A 196 -0.01 -5.78 32.73
C LYS A 196 1.49 -5.98 32.89
N GLY A 197 2.24 -4.88 32.76
CA GLY A 197 3.68 -4.90 32.89
C GLY A 197 4.33 -4.34 31.64
N GLY A 198 5.48 -3.70 31.81
CA GLY A 198 6.24 -3.18 30.69
C GLY A 198 7.24 -4.19 30.19
N GLN A 199 8.26 -3.68 29.49
CA GLN A 199 9.33 -4.55 29.03
C GLN A 199 10.11 -5.16 30.19
N ASP A 200 9.98 -4.59 31.39
CA ASP A 200 10.65 -5.15 32.56
C ASP A 200 10.11 -6.53 32.92
N VAL A 201 8.81 -6.73 32.80
CA VAL A 201 8.17 -7.95 33.28
C VAL A 201 8.18 -8.97 32.14
N LYS A 202 8.51 -10.22 32.48
CA LYS A 202 8.52 -11.28 31.47
C LYS A 202 7.13 -11.86 31.29
N LYS A 203 6.46 -12.24 32.38
CA LYS A 203 5.12 -12.80 32.33
C LYS A 203 4.13 -11.69 32.68
N LYS A 204 3.24 -11.37 31.73
CA LYS A 204 2.35 -10.23 31.87
C LYS A 204 0.90 -10.60 32.19
N VAL A 205 0.57 -11.90 32.24
CA VAL A 205 -0.80 -12.33 32.49
C VAL A 205 -0.78 -13.37 33.60
N HIS A 206 -1.67 -13.20 34.58
CA HIS A 206 -1.82 -14.14 35.68
C HIS A 206 -3.30 -14.31 35.98
N LEU A 207 -3.80 -15.54 35.85
CA LEU A 207 -5.21 -15.84 36.02
C LEU A 207 -5.47 -16.45 37.39
N SER A 208 -6.68 -16.20 37.91
CA SER A 208 -7.13 -16.79 39.15
C SER A 208 -7.75 -18.17 38.89
N GLU A 209 -7.96 -18.91 39.98
CA GLU A 209 -8.59 -20.22 39.85
C GLU A 209 -9.99 -20.08 39.26
N LYS A 210 -10.79 -19.19 39.82
CA LYS A 210 -12.12 -18.91 39.31
C LYS A 210 -12.01 -17.99 38.09
N ILE A 211 -12.62 -18.38 36.99
CA ILE A 211 -12.56 -17.64 35.74
C ILE A 211 -13.78 -16.74 35.65
N HIS A 212 -13.55 -15.44 35.52
CA HIS A 212 -14.66 -14.51 35.37
C HIS A 212 -15.21 -14.59 33.95
N PRO A 213 -16.52 -14.50 33.77
CA PRO A 213 -17.09 -14.67 32.41
C PRO A 213 -16.41 -13.83 31.35
N PHE A 214 -15.98 -12.61 31.69
CA PHE A 214 -15.28 -11.77 30.72
C PHE A 214 -14.04 -12.48 30.19
N ILE A 215 -13.26 -13.09 31.08
CA ILE A 215 -12.04 -13.78 30.67
C ILE A 215 -12.38 -14.98 29.81
N ARG A 216 -13.39 -15.76 30.20
CA ARG A 216 -13.77 -16.93 29.41
C ARG A 216 -14.17 -16.53 27.99
N LYS A 217 -15.00 -15.49 27.88
CA LYS A 217 -15.50 -15.10 26.56
C LYS A 217 -14.38 -14.53 25.69
N SER A 218 -13.46 -13.77 26.28
CA SER A 218 -12.33 -13.27 25.52
C SER A 218 -11.44 -14.41 25.04
N ILE A 219 -11.22 -15.41 25.89
CA ILE A 219 -10.42 -16.57 25.50
C ILE A 219 -11.09 -17.30 24.35
N ASN A 220 -12.41 -17.46 24.42
CA ASN A 220 -13.13 -18.14 23.36
C ASN A 220 -13.04 -17.38 22.05
N ILE A 221 -12.94 -16.05 22.11
CA ILE A 221 -12.69 -15.28 20.89
C ILE A 221 -11.31 -15.60 20.34
N ILE A 222 -10.28 -15.54 21.20
CA ILE A 222 -8.91 -15.78 20.75
C ILE A 222 -8.79 -17.17 20.14
N LYS A 223 -9.49 -18.15 20.71
CA LYS A 223 -9.39 -19.53 20.22
C LYS A 223 -9.81 -19.64 18.76
N LYS A 224 -10.68 -18.76 18.29
CA LYS A 224 -11.14 -18.81 16.90
C LYS A 224 -10.03 -18.45 15.93
N TYR A 225 -9.04 -17.66 16.37
CA TYR A 225 -7.98 -17.15 15.52
C TYR A 225 -6.59 -17.71 15.84
N PHE A 226 -6.42 -18.36 16.98
CA PHE A 226 -5.07 -18.62 17.49
C PHE A 226 -4.27 -19.48 16.53
N GLU A 227 -4.92 -20.44 15.86
CA GLU A 227 -4.19 -21.36 14.99
C GLU A 227 -3.57 -20.62 13.80
N GLU A 228 -4.41 -19.93 13.03
CA GLU A 228 -3.90 -19.28 11.82
C GLU A 228 -2.96 -18.12 12.16
N TYR A 229 -3.29 -17.33 13.18
CA TYR A 229 -2.48 -16.16 13.49
C TYR A 229 -1.17 -16.56 14.18
N ALA A 230 -1.28 -17.28 15.29
CA ALA A 230 -0.13 -17.52 16.16
C ALA A 230 0.71 -18.72 15.73
N LEU A 231 0.07 -19.81 15.30
CA LEU A 231 0.80 -21.03 15.01
C LEU A 231 1.24 -21.14 13.54
N VAL A 232 0.64 -20.34 12.65
CA VAL A 232 0.98 -20.36 11.23
C VAL A 232 1.65 -19.05 10.81
N ASN A 233 0.93 -17.92 10.92
CA ASN A 233 1.50 -16.66 10.45
C ASN A 233 2.69 -16.23 11.28
N GLN A 234 2.56 -16.28 12.60
CA GLN A 234 3.64 -15.84 13.46
C GLN A 234 4.64 -16.95 13.73
N ASP A 235 4.19 -18.20 13.69
CA ASP A 235 5.06 -19.35 13.93
C ASP A 235 5.78 -19.16 15.25
N ILE A 236 5.00 -18.93 16.31
CA ILE A 236 5.57 -18.61 17.62
C ILE A 236 6.38 -19.76 18.19
N LEU A 237 6.19 -20.97 17.66
CA LEU A 237 6.95 -22.14 18.09
C LEU A 237 7.77 -22.68 16.93
N GLU A 238 8.47 -21.79 16.22
CA GLU A 238 9.24 -22.20 15.05
C GLU A 238 10.53 -22.91 15.46
N ASN A 239 11.36 -22.22 16.24
CA ASN A 239 12.66 -22.73 16.63
C ASN A 239 12.85 -22.47 18.13
N LYS A 240 14.04 -22.78 18.63
CA LYS A 240 14.32 -22.54 20.03
C LYS A 240 14.30 -21.05 20.35
N GLU A 241 14.84 -20.23 19.45
CA GLU A 241 14.89 -18.79 19.70
C GLU A 241 13.50 -18.22 19.90
N SER A 242 12.49 -18.82 19.26
CA SER A 242 11.12 -18.35 19.39
C SER A 242 10.38 -19.03 20.56
N TRP A 243 10.49 -20.35 20.70
CA TRP A 243 9.73 -21.04 21.74
C TRP A 243 10.35 -20.86 23.13
N ASP A 244 11.55 -20.31 23.24
CA ASP A 244 12.08 -19.97 24.55
C ASP A 244 11.32 -18.82 25.18
N LYS A 245 10.76 -17.94 24.37
CA LYS A 245 9.95 -16.84 24.90
C LYS A 245 8.66 -17.36 25.53
N ILE A 246 8.09 -18.42 24.96
CA ILE A 246 6.91 -19.02 25.54
C ILE A 246 7.29 -19.83 26.78
N LEU A 247 8.40 -20.56 26.73
CA LEU A 247 8.83 -21.29 27.91
C LEU A 247 9.16 -20.35 29.06
N ALA A 248 9.46 -19.07 28.77
CA ALA A 248 9.64 -18.11 29.85
C ALA A 248 8.35 -17.78 30.60
N LEU A 249 7.19 -18.16 30.05
CA LEU A 249 5.90 -17.84 30.67
C LEU A 249 5.32 -18.99 31.47
N VAL A 250 6.01 -20.12 31.54
CA VAL A 250 5.53 -21.27 32.30
C VAL A 250 6.54 -21.59 33.39
N PRO A 251 6.19 -22.40 34.39
CA PRO A 251 7.16 -22.75 35.43
C PRO A 251 8.36 -23.49 34.85
N GLU A 252 9.48 -23.40 35.58
CA GLU A 252 10.70 -24.04 35.10
C GLU A 252 10.63 -25.57 35.20
N THR A 253 9.85 -26.10 36.12
CA THR A 253 9.85 -27.53 36.38
C THR A 253 9.35 -28.35 35.20
N ILE A 254 8.78 -27.72 34.18
CA ILE A 254 8.29 -28.41 33.00
C ILE A 254 9.05 -28.02 31.75
N HIS A 255 10.13 -27.24 31.89
CA HIS A 255 10.89 -26.81 30.72
C HIS A 255 11.46 -28.02 29.98
N ASP A 256 12.14 -28.91 30.71
CA ASP A 256 12.81 -30.03 30.06
C ASP A 256 11.81 -30.87 29.28
N GLU A 257 10.70 -31.24 29.93
CA GLU A 257 9.69 -32.06 29.28
C GLU A 257 9.24 -31.42 27.97
N LEU A 258 9.14 -30.09 27.95
CA LEU A 258 8.73 -29.42 26.71
C LEU A 258 9.90 -29.34 25.74
N GLN A 259 11.10 -29.02 26.24
CA GLN A 259 12.27 -28.88 25.36
C GLN A 259 12.38 -30.08 24.43
N GLN A 260 12.28 -31.28 25.00
CA GLN A 260 12.45 -32.48 24.20
C GLN A 260 11.29 -32.62 23.20
N SER A 261 10.06 -32.45 23.67
CA SER A 261 8.92 -32.67 22.78
C SER A 261 8.99 -31.72 21.59
N PHE A 262 9.40 -30.48 21.85
CA PHE A 262 9.47 -29.49 20.78
C PHE A 262 10.50 -29.90 19.74
N GLN A 263 11.64 -30.45 20.18
CA GLN A 263 12.66 -30.87 19.23
C GLN A 263 12.21 -32.10 18.46
N LYS A 264 11.41 -32.97 19.06
CA LYS A 264 10.96 -34.16 18.35
C LYS A 264 9.86 -33.81 17.35
N SER A 265 9.07 -32.78 17.64
CA SER A 265 8.08 -32.27 16.71
C SER A 265 8.73 -31.42 15.62
N HIS A 266 7.92 -31.01 14.65
CA HIS A 266 8.45 -30.30 13.47
C HIS A 266 7.84 -28.94 13.20
N ASN A 267 6.71 -28.57 13.81
CA ASN A 267 6.11 -27.27 13.55
C ASN A 267 5.35 -26.80 14.77
N SER A 268 4.84 -25.58 14.70
CA SER A 268 4.24 -24.94 15.86
C SER A 268 2.96 -25.66 16.32
N LEU A 269 2.16 -26.17 15.38
CA LEU A 269 0.92 -26.85 15.74
C LEU A 269 1.18 -28.00 16.70
N GLN A 270 2.04 -28.93 16.31
CA GLN A 270 2.34 -30.09 17.13
C GLN A 270 2.89 -29.67 18.49
N ARG A 271 3.80 -28.68 18.48
CA ARG A 271 4.43 -28.22 19.72
C ARG A 271 3.41 -27.58 20.64
N TRP A 272 2.42 -26.87 20.08
CA TRP A 272 1.39 -26.25 20.90
C TRP A 272 0.49 -27.30 21.55
N GLU A 273 0.16 -28.37 20.82
CA GLU A 273 -0.62 -29.44 21.43
C GLU A 273 0.15 -30.06 22.58
N HIS A 274 1.46 -30.27 22.40
CA HIS A 274 2.28 -30.79 23.49
C HIS A 274 2.23 -29.85 24.69
N LEU A 275 2.36 -28.55 24.44
CA LEU A 275 2.31 -27.57 25.53
C LEU A 275 0.99 -27.66 26.27
N LYS A 276 -0.12 -27.77 25.54
CA LYS A 276 -1.43 -27.81 26.19
C LYS A 276 -1.56 -29.02 27.09
N LYS A 277 -1.15 -30.20 26.60
CA LYS A 277 -1.31 -31.39 27.42
C LYS A 277 -0.43 -31.31 28.67
N VAL A 278 0.83 -30.89 28.49
CA VAL A 278 1.75 -30.80 29.62
C VAL A 278 1.25 -29.79 30.64
N ALA A 279 0.82 -28.62 30.17
CA ALA A 279 0.35 -27.58 31.09
C ALA A 279 -0.89 -28.03 31.83
N SER A 280 -1.79 -28.76 31.16
CA SER A 280 -2.99 -29.22 31.83
C SER A 280 -2.71 -30.33 32.84
N ARG A 281 -1.53 -30.96 32.77
CA ARG A 281 -1.17 -31.93 33.80
C ARG A 281 -0.27 -31.36 34.89
N TYR A 282 0.12 -30.09 34.80
CA TYR A 282 0.95 -29.48 35.83
C TYR A 282 0.12 -29.17 37.08
N GLN A 283 0.70 -29.42 38.26
CA GLN A 283 0.03 -29.24 39.54
C GLN A 283 0.44 -27.90 40.15
N ASN A 284 -0.47 -26.92 40.08
CA ASN A 284 -0.17 -25.60 40.63
C ASN A 284 -0.14 -25.63 42.15
N ASN A 285 -1.25 -26.04 42.77
CA ASN A 285 -1.40 -26.03 44.21
C ASN A 285 -1.24 -27.45 44.74
N ILE A 286 -0.29 -27.63 45.67
CA ILE A 286 -0.02 -28.96 46.19
C ILE A 286 -1.04 -29.38 47.24
N LYS A 287 -1.76 -28.42 47.84
CA LYS A 287 -2.84 -28.77 48.74
C LYS A 287 -3.84 -29.68 48.04
N ASN A 288 -4.45 -29.18 46.98
CA ASN A 288 -5.48 -29.88 46.21
C ASN A 288 -4.87 -30.65 45.05
N ASP A 289 -5.71 -31.45 44.41
CA ASP A 289 -5.33 -32.16 43.19
C ASP A 289 -6.03 -31.54 42.00
N LYS A 290 -6.02 -30.21 41.93
CA LYS A 290 -6.74 -29.47 40.90
C LYS A 290 -5.81 -29.06 39.77
N TYR A 291 -6.22 -29.37 38.55
CA TYR A 291 -5.45 -29.08 37.36
C TYR A 291 -6.33 -28.37 36.35
N GLY A 292 -5.72 -27.52 35.52
CA GLY A 292 -6.45 -26.78 34.53
C GLY A 292 -5.57 -26.14 33.49
N PRO A 293 -6.18 -25.40 32.57
CA PRO A 293 -5.41 -24.82 31.46
C PRO A 293 -4.98 -23.37 31.70
N TRP A 294 -4.81 -22.99 32.96
CA TRP A 294 -4.49 -21.60 33.28
C TRP A 294 -3.26 -21.12 32.49
N LEU A 295 -2.20 -21.94 32.44
CA LEU A 295 -1.00 -21.56 31.71
C LEU A 295 -1.28 -21.41 30.22
N GLU A 296 -1.97 -22.37 29.62
CA GLU A 296 -2.36 -22.28 28.21
C GLU A 296 -3.02 -20.94 27.91
N TRP A 297 -4.00 -20.57 28.74
CA TRP A 297 -4.72 -19.33 28.55
C TRP A 297 -3.84 -18.11 28.79
N GLU A 298 -2.98 -18.16 29.80
CA GLU A 298 -2.10 -17.03 30.05
C GLU A 298 -1.22 -16.77 28.85
N ILE A 299 -0.77 -17.82 28.18
CA ILE A 299 0.07 -17.65 26.99
C ILE A 299 -0.75 -17.01 25.86
N MET A 300 -1.92 -17.58 25.58
N MET A 300 -1.92 -17.58 25.57
CA MET A 300 -2.77 -17.03 24.52
CA MET A 300 -2.76 -17.01 24.51
C MET A 300 -3.09 -15.56 24.79
C MET A 300 -3.10 -15.56 24.80
N LEU A 301 -3.47 -15.25 26.03
CA LEU A 301 -3.82 -13.88 26.38
C LEU A 301 -2.63 -12.95 26.22
N GLN A 302 -1.46 -13.39 26.68
CA GLN A 302 -0.27 -12.56 26.57
C GLN A 302 0.10 -12.29 25.12
N TYR A 303 -0.29 -13.17 24.20
CA TYR A 303 0.05 -12.96 22.80
C TYR A 303 -1.07 -12.32 21.97
N CYS A 304 -2.30 -12.30 22.45
CA CYS A 304 -3.40 -11.83 21.62
C CYS A 304 -4.36 -10.84 22.27
N PHE A 305 -4.32 -10.66 23.59
CA PHE A 305 -5.34 -9.85 24.25
C PHE A 305 -5.06 -8.35 24.07
N PRO A 306 -6.11 -7.54 23.97
CA PRO A 306 -5.91 -6.11 23.78
C PRO A 306 -5.00 -5.52 24.85
N ARG A 307 -4.10 -4.66 24.41
CA ARG A 307 -3.25 -3.88 25.31
C ARG A 307 -3.68 -2.43 25.13
N LEU A 308 -4.36 -1.89 26.13
CA LEU A 308 -5.00 -0.59 26.01
C LEU A 308 -4.11 0.49 26.61
N ASP A 309 -3.81 1.53 25.84
CA ASP A 309 -3.06 2.66 26.39
C ASP A 309 -3.97 3.24 27.46
N ILE A 310 -3.67 2.93 28.73
CA ILE A 310 -4.63 3.18 29.81
C ILE A 310 -4.89 4.67 29.98
N ASN A 311 -3.88 5.51 29.77
CA ASN A 311 -4.05 6.93 30.07
C ASN A 311 -4.96 7.63 29.08
N VAL A 312 -5.10 7.11 27.86
CA VAL A 312 -6.02 7.72 26.91
C VAL A 312 -7.44 7.71 27.47
N SER A 313 -7.80 6.65 28.22
CA SER A 313 -9.22 6.45 28.52
C SER A 313 -9.65 7.11 29.83
N LYS A 314 -8.76 7.27 30.80
CA LYS A 314 -9.19 7.76 32.10
C LYS A 314 -9.37 9.27 32.13
N GLY A 315 -8.66 9.99 31.26
CA GLY A 315 -8.74 11.44 31.20
C GLY A 315 -9.94 12.01 30.46
N ILE A 316 -10.78 12.80 31.14
CA ILE A 316 -11.94 13.38 30.48
C ILE A 316 -11.50 14.39 29.42
N ASN A 317 -10.41 15.11 29.65
CA ASN A 317 -10.01 16.21 28.78
C ASN A 317 -8.96 15.78 27.74
N HIS A 318 -8.77 14.49 27.54
CA HIS A 318 -7.75 13.98 26.63
C HIS A 318 -8.20 14.17 25.18
N LEU A 319 -7.28 14.68 24.35
CA LEU A 319 -7.56 14.86 22.93
C LEU A 319 -7.33 13.57 22.15
N LEU A 320 -8.23 13.29 21.20
CA LEU A 320 -8.10 12.13 20.33
C LEU A 320 -8.37 12.53 18.89
N LYS A 321 -7.64 11.92 17.97
CA LYS A 321 -7.76 12.25 16.55
C LYS A 321 -9.18 12.05 16.07
N SER A 322 -9.65 12.96 15.27
CA SER A 322 -11.03 12.90 14.82
C SER A 322 -11.18 11.88 13.70
N PRO A 323 -12.29 11.14 13.66
CA PRO A 323 -12.59 10.36 12.47
C PRO A 323 -12.64 11.26 11.25
N PHE A 324 -12.21 10.72 10.12
CA PHE A 324 -12.11 11.40 8.84
C PHE A 324 -11.08 12.53 8.81
N SER A 325 -10.20 12.58 9.81
CA SER A 325 -8.99 13.38 9.69
C SER A 325 -7.90 12.54 9.02
N VAL A 326 -6.92 13.23 8.45
CA VAL A 326 -5.81 12.58 7.78
C VAL A 326 -4.70 12.33 8.78
N HIS A 327 -4.01 11.20 8.63
CA HIS A 327 -2.80 10.94 9.39
C HIS A 327 -1.64 11.61 8.65
N PRO A 328 -1.05 12.68 9.20
CA PRO A 328 -0.05 13.44 8.41
C PRO A 328 1.21 12.67 8.09
N LYS A 329 1.42 11.49 8.66
CA LYS A 329 2.62 10.70 8.39
C LYS A 329 2.40 9.58 7.39
N THR A 330 1.15 9.24 7.09
CA THR A 330 0.85 8.21 6.10
C THR A 330 -0.09 8.68 5.00
N GLY A 331 -0.72 9.84 5.16
CA GLY A 331 -1.73 10.30 4.23
C GLY A 331 -3.05 9.56 4.31
N ARG A 332 -3.14 8.50 5.09
CA ARG A 332 -4.38 7.73 5.19
C ARG A 332 -5.44 8.52 5.95
N ILE A 333 -6.69 8.14 5.73
CA ILE A 333 -7.83 8.79 6.36
C ILE A 333 -8.34 7.92 7.49
N SER A 334 -8.61 8.54 8.63
CA SER A 334 -9.18 7.86 9.78
C SER A 334 -10.63 7.50 9.45
N VAL A 335 -10.87 6.27 9.01
CA VAL A 335 -12.20 5.86 8.55
C VAL A 335 -12.84 4.92 9.55
N PRO A 336 -14.18 4.96 9.71
CA PRO A 336 -14.84 3.97 10.56
C PRO A 336 -14.68 2.55 10.01
N ILE A 337 -14.83 1.58 10.91
CA ILE A 337 -14.69 0.17 10.60
C ILE A 337 -16.07 -0.49 10.65
N ASP A 338 -16.45 -1.15 9.56
CA ASP A 338 -17.73 -1.84 9.50
C ASP A 338 -17.73 -3.04 10.44
N LEU A 339 -18.50 -2.94 11.53
CA LEU A 339 -18.51 -4.02 12.52
C LEU A 339 -19.07 -5.31 11.95
N GLN A 340 -19.99 -5.21 10.99
CA GLN A 340 -20.53 -6.40 10.34
C GLN A 340 -19.53 -7.09 9.43
N LYS A 341 -18.41 -6.43 9.13
CA LYS A 341 -17.34 -6.99 8.31
C LYS A 341 -15.99 -6.76 8.97
N VAL A 342 -15.90 -7.00 10.28
CA VAL A 342 -14.69 -6.64 11.02
C VAL A 342 -13.51 -7.48 10.54
N ASP A 343 -13.73 -8.77 10.26
CA ASP A 343 -12.65 -9.62 9.81
C ASP A 343 -12.14 -9.18 8.43
N GLN A 344 -13.02 -8.66 7.59
CA GLN A 344 -12.63 -8.28 6.23
C GLN A 344 -11.98 -6.90 6.17
N PHE A 345 -11.91 -6.16 7.28
CA PHE A 345 -11.33 -4.83 7.22
C PHE A 345 -9.86 -4.93 6.84
N ASP A 346 -9.48 -4.23 5.78
CA ASP A 346 -8.12 -4.26 5.26
C ASP A 346 -7.53 -2.85 5.35
N PRO A 347 -6.67 -2.58 6.33
CA PRO A 347 -6.09 -1.24 6.44
C PRO A 347 -5.29 -0.82 5.22
N PHE A 348 -4.85 -1.78 4.40
CA PHE A 348 -4.02 -1.49 3.23
C PHE A 348 -4.83 -1.05 2.01
N THR A 349 -6.16 -1.18 2.06
CA THR A 349 -7.03 -0.61 1.03
C THR A 349 -7.66 0.70 1.48
N VAL A 350 -7.34 1.16 2.68
CA VAL A 350 -7.88 2.46 3.14
C VAL A 350 -7.34 3.55 2.24
N PRO A 351 -8.19 4.42 1.67
CA PRO A 351 -7.69 5.44 0.75
C PRO A 351 -6.82 6.48 1.45
N THR A 352 -5.84 6.97 0.71
CA THR A 352 -5.07 8.14 1.11
C THR A 352 -5.78 9.39 0.58
N ILE A 353 -5.45 10.54 1.16
CA ILE A 353 -6.06 11.78 0.71
C ILE A 353 -5.72 12.06 -0.75
N SER A 354 -4.49 11.74 -1.15
CA SER A 354 -4.10 11.90 -2.55
C SER A 354 -4.96 11.03 -3.46
N PHE A 355 -5.26 9.82 -3.02
CA PHE A 355 -5.99 8.87 -3.85
C PHE A 355 -7.41 9.36 -4.14
N ILE A 356 -8.13 9.77 -3.08
CA ILE A 356 -9.51 10.22 -3.28
C ILE A 356 -9.54 11.55 -4.00
N CYS A 357 -8.53 12.41 -3.79
CA CYS A 357 -8.47 13.64 -4.57
C CYS A 357 -8.31 13.32 -6.05
N ARG A 358 -7.58 12.24 -6.36
CA ARG A 358 -7.45 11.80 -7.75
C ARG A 358 -8.76 11.24 -8.28
N GLU A 359 -9.40 10.36 -7.51
CA GLU A 359 -10.67 9.77 -7.93
C GLU A 359 -11.75 10.83 -8.17
N LEU A 360 -11.69 11.97 -7.47
CA LEU A 360 -12.74 12.97 -7.59
C LEU A 360 -12.81 13.52 -9.01
N ASP A 361 -11.65 13.87 -9.57
CA ASP A 361 -11.57 14.47 -10.90
C ASP A 361 -11.10 13.51 -11.98
N ALA A 362 -11.08 12.21 -11.70
CA ALA A 362 -10.62 11.24 -12.69
C ALA A 362 -11.74 10.91 -13.68
N ILE A 363 -11.44 11.04 -14.96
CA ILE A 363 -12.39 10.81 -16.04
C ILE A 363 -12.33 9.34 -16.45
N SER A 364 -13.46 8.82 -16.93
CA SER A 364 -13.54 7.45 -17.41
C SER A 364 -13.84 7.41 -18.90
N THR A 383 -22.86 14.59 -8.88
CA THR A 383 -22.23 15.72 -8.20
C THR A 383 -20.77 15.45 -7.89
N ARG A 384 -20.08 16.44 -7.33
CA ARG A 384 -18.65 16.37 -7.07
C ARG A 384 -18.43 16.29 -5.56
N ASP A 385 -18.76 15.13 -4.99
CA ASP A 385 -18.64 14.92 -3.55
C ASP A 385 -17.97 13.59 -3.25
N TYR A 386 -18.03 13.15 -1.99
CA TYR A 386 -17.33 11.94 -1.57
C TYR A 386 -17.93 10.69 -2.22
N LYS A 387 -19.21 10.71 -2.56
CA LYS A 387 -19.84 9.55 -3.19
C LYS A 387 -19.19 9.18 -4.51
N LYS A 388 -18.37 10.06 -5.08
CA LYS A 388 -17.66 9.81 -6.32
C LYS A 388 -16.31 9.13 -6.11
N THR A 389 -15.99 8.74 -4.88
CA THR A 389 -14.66 8.24 -4.52
C THR A 389 -14.78 6.98 -3.67
N SER A 390 -13.63 6.47 -3.23
N SER A 390 -13.63 6.47 -3.23
CA SER A 390 -13.57 5.30 -2.37
CA SER A 390 -13.59 5.30 -2.38
C SER A 390 -13.85 5.61 -0.91
C SER A 390 -13.83 5.62 -0.91
N LEU A 391 -14.08 6.88 -0.57
CA LEU A 391 -14.42 7.25 0.79
C LEU A 391 -15.89 6.99 1.13
N ALA A 392 -16.73 6.79 0.11
CA ALA A 392 -18.17 6.67 0.33
C ALA A 392 -18.53 5.54 1.29
N PRO A 393 -18.13 4.29 1.06
CA PRO A 393 -18.58 3.20 1.94
C PRO A 393 -18.24 3.45 3.41
N TYR A 394 -17.16 4.18 3.68
CA TYR A 394 -16.81 4.50 5.06
C TYR A 394 -17.77 5.52 5.66
N VAL A 395 -18.23 6.47 4.84
CA VAL A 395 -19.27 7.40 5.29
C VAL A 395 -20.56 6.65 5.55
N LYS A 396 -20.84 5.60 4.77
CA LYS A 396 -22.04 4.81 5.04
C LYS A 396 -21.94 4.12 6.40
N VAL A 397 -20.77 3.58 6.74
CA VAL A 397 -20.59 3.03 8.08
C VAL A 397 -20.88 4.10 9.13
N PHE A 398 -20.33 5.30 8.92
CA PHE A 398 -20.57 6.40 9.86
C PHE A 398 -22.06 6.73 9.96
N GLU A 399 -22.79 6.63 8.85
CA GLU A 399 -24.20 6.99 8.84
C GLU A 399 -25.04 5.95 9.57
N HIS A 400 -24.72 4.66 9.42
CA HIS A 400 -25.42 3.65 10.21
C HIS A 400 -25.23 3.93 11.69
N PHE A 401 -24.02 4.33 12.08
CA PHE A 401 -23.78 4.68 13.49
C PHE A 401 -24.66 5.87 13.90
N LEU A 402 -24.75 6.87 13.03
CA LEU A 402 -25.55 8.06 13.36
C LEU A 402 -27.03 7.73 13.45
N GLU A 403 -27.51 6.82 12.60
CA GLU A 403 -28.93 6.48 12.62
C GLU A 403 -29.29 5.73 13.89
N ASN A 404 -28.39 4.86 14.37
CA ASN A 404 -28.66 4.24 15.66
C ASN A 404 -28.76 5.30 16.76
N LEU A 405 -27.87 6.29 16.74
CA LEU A 405 -27.98 7.36 17.74
C LEU A 405 -29.32 8.09 17.64
N ASP A 406 -29.77 8.35 16.40
CA ASP A 406 -31.01 9.09 16.22
C ASP A 406 -32.18 8.28 16.77
N LYS A 407 -32.20 6.98 16.51
CA LYS A 407 -33.24 6.13 17.07
C LYS A 407 -33.23 6.20 18.59
N SER A 408 -32.03 6.15 19.19
CA SER A 408 -31.99 6.16 20.65
C SER A 408 -32.60 7.44 21.20
N ARG A 409 -32.65 8.50 20.40
CA ARG A 409 -33.33 9.72 20.87
C ARG A 409 -34.78 9.80 20.39
N LYS A 410 -35.02 9.54 19.12
CA LYS A 410 -36.35 9.65 18.51
C LYS A 410 -37.00 11.00 18.78
N GLU B 5 14.88 -5.16 -34.76
CA GLU B 5 15.88 -6.11 -34.27
C GLU B 5 15.36 -7.54 -34.35
N THR B 6 16.05 -8.38 -35.10
CA THR B 6 15.71 -9.79 -35.23
C THR B 6 16.99 -10.61 -35.31
N PHE B 7 16.86 -11.91 -35.03
CA PHE B 7 18.01 -12.76 -34.74
C PHE B 7 17.88 -14.08 -35.48
N ASP B 8 19.02 -14.64 -35.89
CA ASP B 8 19.09 -15.99 -36.41
C ASP B 8 19.31 -16.94 -35.24
N PRO B 9 18.30 -17.69 -34.81
CA PRO B 9 18.36 -18.33 -33.48
C PRO B 9 19.04 -19.69 -33.44
N THR B 10 19.58 -20.17 -34.56
CA THR B 10 20.25 -21.48 -34.56
C THR B 10 21.53 -21.46 -33.74
N GLU B 11 22.13 -20.28 -33.53
CA GLU B 11 23.29 -20.19 -32.66
C GLU B 11 22.91 -20.24 -31.19
N LEU B 12 21.62 -20.06 -30.87
CA LEU B 12 21.22 -19.81 -29.50
C LEU B 12 21.55 -20.95 -28.54
N PRO B 13 21.27 -22.22 -28.85
CA PRO B 13 21.54 -23.28 -27.87
C PRO B 13 22.97 -23.27 -27.35
N GLU B 14 23.94 -23.34 -28.26
CA GLU B 14 25.34 -23.44 -27.83
C GLU B 14 25.78 -22.18 -27.10
N LEU B 15 25.24 -21.02 -27.48
CA LEU B 15 25.54 -19.80 -26.74
C LEU B 15 24.89 -19.84 -25.36
N LEU B 16 23.63 -20.27 -25.29
CA LEU B 16 22.94 -20.28 -24.00
C LEU B 16 23.69 -21.16 -23.01
N LYS B 17 24.16 -22.33 -23.48
CA LYS B 17 24.91 -23.22 -22.60
C LYS B 17 26.13 -22.51 -22.04
N LEU B 18 26.81 -21.72 -22.86
CA LEU B 18 27.97 -20.99 -22.35
C LEU B 18 27.51 -19.90 -21.39
N TYR B 19 26.43 -19.19 -21.73
CA TYR B 19 25.96 -18.09 -20.89
C TYR B 19 25.65 -18.60 -19.49
N TYR B 20 24.79 -19.61 -19.41
CA TYR B 20 24.37 -20.15 -18.12
C TYR B 20 25.51 -20.79 -17.37
N ARG B 21 26.66 -21.01 -18.02
CA ARG B 21 27.78 -21.62 -17.33
C ARG B 21 28.76 -20.60 -16.78
N ARG B 22 28.92 -19.44 -17.44
CA ARG B 22 30.01 -18.54 -17.05
C ARG B 22 29.59 -17.07 -16.88
N LEU B 23 28.37 -16.70 -17.26
CA LEU B 23 28.02 -15.29 -17.31
C LEU B 23 26.78 -14.94 -16.51
N PHE B 24 25.83 -15.84 -16.40
CA PHE B 24 24.59 -15.54 -15.70
C PHE B 24 24.89 -15.29 -14.22
N PRO B 25 24.53 -14.11 -13.67
CA PRO B 25 24.90 -13.80 -12.26
C PRO B 25 24.02 -14.53 -11.24
N TYR B 26 24.41 -15.77 -10.95
CA TYR B 26 23.59 -16.62 -10.09
C TYR B 26 23.57 -16.12 -8.65
N SER B 27 24.74 -15.75 -8.11
N SER B 27 24.74 -15.76 -8.12
CA SER B 27 24.80 -15.28 -6.74
CA SER B 27 24.80 -15.28 -6.73
C SER B 27 23.91 -14.06 -6.53
C SER B 27 23.91 -14.06 -6.53
N GLN B 28 24.04 -13.06 -7.40
CA GLN B 28 23.19 -11.88 -7.30
C GLN B 28 21.72 -12.24 -7.49
N TYR B 29 21.43 -13.15 -8.42
CA TYR B 29 20.05 -13.53 -8.69
C TYR B 29 19.40 -14.18 -7.48
N TYR B 30 20.14 -15.05 -6.80
CA TYR B 30 19.63 -15.69 -5.60
C TYR B 30 19.51 -14.68 -4.46
N ARG B 31 20.51 -13.81 -4.29
CA ARG B 31 20.38 -12.74 -3.30
C ARG B 31 19.07 -12.00 -3.50
N TRP B 32 18.69 -11.77 -4.76
CA TRP B 32 17.42 -11.10 -5.04
C TRP B 32 16.24 -11.93 -4.56
N LEU B 33 16.00 -13.07 -5.21
CA LEU B 33 14.73 -13.75 -4.96
C LEU B 33 14.67 -14.47 -3.62
N ASN B 34 15.77 -14.53 -2.87
CA ASN B 34 15.74 -15.09 -1.52
C ASN B 34 15.40 -14.04 -0.48
N TYR B 35 15.61 -12.75 -0.78
CA TYR B 35 15.23 -11.64 0.08
C TYR B 35 15.74 -11.85 1.50
N GLY B 36 17.04 -12.06 1.61
CA GLY B 36 17.70 -12.19 2.89
C GLY B 36 17.44 -13.49 3.63
N GLY B 37 16.64 -14.39 3.08
CA GLY B 37 16.34 -15.65 3.73
C GLY B 37 15.56 -15.54 5.02
N VAL B 38 14.97 -14.37 5.31
CA VAL B 38 14.27 -14.19 6.57
C VAL B 38 12.96 -14.97 6.61
N ILE B 39 12.20 -14.94 5.52
CA ILE B 39 10.94 -15.69 5.46
C ILE B 39 11.26 -17.10 5.01
N LYS B 40 10.57 -18.07 5.59
CA LYS B 40 10.87 -19.47 5.32
C LYS B 40 10.25 -19.88 3.99
N ASN B 41 10.99 -20.66 3.22
CA ASN B 41 10.51 -21.23 1.96
C ASN B 41 10.11 -20.16 0.96
N TYR B 42 10.70 -18.96 1.06
CA TYR B 42 10.32 -17.89 0.15
C TYR B 42 10.86 -18.13 -1.26
N PHE B 43 12.11 -18.57 -1.37
CA PHE B 43 12.66 -18.94 -2.66
C PHE B 43 12.16 -20.31 -3.12
N GLN B 44 11.91 -21.21 -2.17
CA GLN B 44 11.50 -22.56 -2.52
C GLN B 44 10.09 -22.61 -3.09
N HIS B 45 9.25 -21.65 -2.74
CA HIS B 45 7.87 -21.62 -3.23
C HIS B 45 7.69 -20.68 -4.42
N ARG B 46 8.78 -20.22 -5.02
CA ARG B 46 8.72 -19.31 -6.15
C ARG B 46 8.54 -20.10 -7.44
N GLU B 47 7.57 -19.69 -8.25
CA GLU B 47 7.38 -20.32 -9.55
C GLU B 47 8.33 -19.70 -10.57
N PHE B 48 9.05 -20.57 -11.28
CA PHE B 48 9.78 -20.20 -12.49
C PHE B 48 9.13 -20.88 -13.68
N SER B 49 9.22 -20.24 -14.84
CA SER B 49 8.69 -20.80 -16.08
C SER B 49 9.78 -20.73 -17.13
N PHE B 50 10.28 -21.89 -17.55
CA PHE B 50 11.31 -21.96 -18.57
C PHE B 50 10.64 -22.15 -19.93
N THR B 51 10.99 -21.30 -20.88
CA THR B 51 10.62 -21.48 -22.27
C THR B 51 11.79 -22.13 -22.99
N LEU B 52 11.52 -23.26 -23.63
CA LEU B 52 12.49 -24.05 -24.35
C LEU B 52 12.41 -23.66 -25.83
N LYS B 53 12.90 -24.56 -26.69
CA LYS B 53 12.83 -24.33 -28.13
C LYS B 53 11.36 -24.28 -28.57
N ASP B 54 11.12 -23.54 -29.65
CA ASP B 54 9.81 -23.54 -30.31
C ASP B 54 8.70 -22.98 -29.41
N ASP B 55 9.03 -22.07 -28.51
CA ASP B 55 8.06 -21.45 -27.61
C ASP B 55 7.30 -22.48 -26.79
N ILE B 56 7.85 -23.69 -26.65
CA ILE B 56 7.30 -24.65 -25.69
C ILE B 56 7.85 -24.25 -24.34
N TYR B 57 6.97 -24.08 -23.36
CA TYR B 57 7.41 -23.66 -22.04
C TYR B 57 6.73 -24.49 -20.97
N ILE B 58 7.44 -24.64 -19.86
CA ILE B 58 6.93 -25.38 -18.69
C ILE B 58 6.95 -24.41 -17.52
N ARG B 59 5.82 -24.33 -16.83
CA ARG B 59 5.67 -23.45 -15.66
C ARG B 59 5.54 -24.30 -14.40
N TYR B 60 5.43 -23.61 -13.26
CA TYR B 60 5.36 -24.25 -11.95
C TYR B 60 6.64 -25.03 -11.70
N GLN B 61 7.76 -24.36 -11.95
CA GLN B 61 9.09 -24.88 -11.63
C GLN B 61 9.57 -24.19 -10.36
N SER B 62 10.17 -24.96 -9.47
CA SER B 62 10.70 -24.41 -8.23
C SER B 62 11.93 -25.21 -7.84
N PHE B 63 12.76 -24.59 -7.00
CA PHE B 63 14.05 -25.14 -6.62
C PHE B 63 14.29 -24.91 -5.15
N ASN B 64 15.15 -25.75 -4.57
CA ASN B 64 15.38 -25.72 -3.13
C ASN B 64 16.41 -24.66 -2.73
N ASN B 65 17.33 -24.31 -3.62
CA ASN B 65 18.38 -23.35 -3.28
C ASN B 65 19.07 -22.93 -4.58
N GLN B 66 20.14 -22.14 -4.43
CA GLN B 66 20.88 -21.64 -5.57
C GLN B 66 21.49 -22.78 -6.39
N SER B 67 22.20 -23.70 -5.72
CA SER B 67 22.86 -24.79 -6.42
C SER B 67 21.86 -25.59 -7.27
N ASP B 68 20.68 -25.86 -6.72
CA ASP B 68 19.67 -26.59 -7.45
C ASP B 68 19.25 -25.82 -8.70
N LEU B 69 19.19 -24.49 -8.59
CA LEU B 69 18.81 -23.67 -9.73
C LEU B 69 19.89 -23.67 -10.80
N GLU B 70 21.15 -23.52 -10.39
CA GLU B 70 22.25 -23.59 -11.35
C GLU B 70 22.22 -24.90 -12.11
N LYS B 71 22.10 -26.02 -11.38
CA LYS B 71 22.15 -27.30 -12.05
C LYS B 71 20.97 -27.46 -13.01
N GLU B 72 19.78 -26.99 -12.61
CA GLU B 72 18.63 -27.17 -13.49
C GLU B 72 18.70 -26.26 -14.72
N MET B 73 19.21 -25.04 -14.55
CA MET B 73 19.34 -24.13 -15.69
C MET B 73 20.45 -24.57 -16.64
N GLN B 74 21.59 -25.00 -16.08
CA GLN B 74 22.68 -25.50 -16.91
C GLN B 74 22.31 -26.83 -17.58
N LYS B 75 21.33 -27.55 -17.06
CA LYS B 75 20.86 -28.77 -17.69
C LYS B 75 19.79 -28.51 -18.75
N MET B 76 18.87 -27.57 -18.50
CA MET B 76 17.78 -27.27 -19.42
C MET B 76 18.17 -26.27 -20.49
N ASN B 77 19.13 -25.39 -20.20
CA ASN B 77 19.50 -24.31 -21.10
C ASN B 77 18.24 -23.62 -21.64
N PRO B 78 17.42 -23.05 -20.75
CA PRO B 78 16.18 -22.43 -21.20
C PRO B 78 16.45 -21.25 -22.12
N TYR B 79 15.63 -21.14 -23.17
CA TYR B 79 15.71 -19.97 -24.04
C TYR B 79 15.23 -18.73 -23.31
N LYS B 80 14.20 -18.87 -22.49
CA LYS B 80 13.67 -17.71 -21.78
C LYS B 80 13.28 -18.15 -20.37
N ILE B 81 13.35 -17.22 -19.43
CA ILE B 81 13.00 -17.50 -18.04
C ILE B 81 12.02 -16.44 -17.56
N ASP B 82 10.88 -16.88 -17.04
CA ASP B 82 9.86 -16.01 -16.48
C ASP B 82 9.77 -16.25 -14.98
N ILE B 83 9.62 -15.17 -14.22
CA ILE B 83 9.46 -15.25 -12.77
C ILE B 83 7.98 -15.10 -12.45
N GLY B 84 7.46 -15.97 -11.60
CA GLY B 84 6.08 -15.92 -11.18
C GLY B 84 5.93 -15.52 -9.73
N ALA B 85 4.84 -15.95 -9.09
CA ALA B 85 4.56 -15.58 -7.72
C ALA B 85 5.11 -16.62 -6.75
N VAL B 86 5.19 -16.22 -5.47
CA VAL B 86 5.46 -17.14 -4.39
C VAL B 86 4.13 -17.74 -3.93
N TYR B 87 4.04 -19.06 -3.92
CA TYR B 87 2.79 -19.76 -3.69
C TYR B 87 2.75 -20.33 -2.27
N SER B 88 1.62 -20.95 -1.93
CA SER B 88 1.44 -21.51 -0.59
C SER B 88 2.28 -22.76 -0.38
N HIS B 89 2.53 -23.53 -1.44
CA HIS B 89 3.39 -24.71 -1.39
C HIS B 89 4.44 -24.60 -2.48
N ARG B 90 5.29 -25.60 -2.57
CA ARG B 90 6.27 -25.68 -3.65
C ARG B 90 5.57 -25.86 -4.99
N PRO B 91 5.78 -24.94 -5.94
CA PRO B 91 5.12 -25.09 -7.25
C PRO B 91 5.34 -26.44 -7.91
N ASN B 92 6.54 -27.01 -7.83
CA ASN B 92 6.75 -28.32 -8.43
C ASN B 92 6.01 -29.43 -7.68
N GLN B 93 5.38 -29.11 -6.55
CA GLN B 93 4.55 -30.05 -5.81
C GLN B 93 3.06 -29.74 -5.93
N HIS B 94 2.68 -28.79 -6.80
CA HIS B 94 1.33 -28.27 -6.76
C HIS B 94 0.27 -29.33 -7.04
N ASN B 95 0.64 -30.42 -7.72
CA ASN B 95 -0.34 -31.48 -8.00
C ASN B 95 -0.57 -32.38 -6.79
N THR B 96 0.40 -32.49 -5.89
CA THR B 96 0.21 -33.28 -4.68
C THR B 96 -0.73 -32.57 -3.71
N VAL B 97 -0.90 -31.26 -3.87
CA VAL B 97 -1.72 -30.49 -2.96
C VAL B 97 -3.19 -30.77 -3.24
N LYS B 98 -4.00 -30.80 -2.18
CA LYS B 98 -5.43 -30.97 -2.35
C LYS B 98 -6.02 -29.80 -3.12
N LEU B 99 -7.03 -30.09 -3.93
CA LEU B 99 -7.61 -29.10 -4.81
C LEU B 99 -8.05 -27.86 -4.03
N GLY B 100 -7.82 -26.69 -4.63
CA GLY B 100 -8.20 -25.43 -4.02
C GLY B 100 -7.20 -24.84 -3.06
N ALA B 101 -6.30 -25.65 -2.50
CA ALA B 101 -5.38 -25.18 -1.48
C ALA B 101 -4.19 -24.43 -2.06
N PHE B 102 -3.76 -24.79 -3.28
CA PHE B 102 -2.63 -24.14 -3.92
C PHE B 102 -3.00 -22.73 -4.35
N GLN B 103 -2.39 -21.72 -3.73
CA GLN B 103 -2.76 -20.34 -3.97
C GLN B 103 -1.53 -19.47 -4.06
N ALA B 104 -1.54 -18.51 -4.96
CA ALA B 104 -0.50 -17.50 -5.01
C ALA B 104 -0.66 -16.55 -3.84
N GLN B 105 0.46 -16.21 -3.20
CA GLN B 105 0.44 -15.42 -1.98
C GLN B 105 1.17 -14.10 -2.10
N GLU B 106 2.35 -14.06 -2.72
CA GLU B 106 3.11 -12.82 -2.85
C GLU B 106 3.82 -12.78 -4.19
N LYS B 107 4.00 -11.56 -4.70
CA LYS B 107 4.80 -11.31 -5.89
C LYS B 107 5.04 -9.82 -6.00
N GLU B 108 6.19 -9.47 -6.56
CA GLU B 108 6.55 -8.07 -6.76
C GLU B 108 5.49 -7.36 -7.59
N LEU B 109 5.39 -6.04 -7.40
CA LEU B 109 4.52 -5.25 -8.27
C LEU B 109 5.26 -4.95 -9.56
N VAL B 110 4.72 -5.41 -10.68
CA VAL B 110 5.45 -5.35 -11.94
C VAL B 110 4.71 -4.48 -12.93
N PHE B 111 5.48 -3.78 -13.76
CA PHE B 111 4.95 -3.00 -14.87
C PHE B 111 5.66 -3.42 -16.15
N ASP B 112 4.91 -3.45 -17.25
CA ASP B 112 5.41 -3.86 -18.56
C ASP B 112 4.96 -2.82 -19.57
N ILE B 113 5.92 -2.10 -20.17
CA ILE B 113 5.64 -1.03 -21.11
C ILE B 113 6.20 -1.42 -22.47
N ASP B 114 5.30 -1.56 -23.45
CA ASP B 114 5.63 -1.94 -24.81
C ASP B 114 5.52 -0.74 -25.74
N MET B 115 6.51 -0.60 -26.62
CA MET B 115 6.48 0.49 -27.60
C MET B 115 5.33 0.35 -28.57
N THR B 116 4.84 -0.87 -28.79
CA THR B 116 3.73 -1.08 -29.71
C THR B 116 2.49 -0.30 -29.28
N ASP B 117 2.33 -0.06 -27.97
CA ASP B 117 1.18 0.68 -27.49
C ASP B 117 1.21 2.15 -27.87
N TYR B 118 2.29 2.63 -28.49
CA TYR B 118 2.38 4.01 -28.95
C TYR B 118 2.27 4.13 -30.47
N ASP B 119 1.91 3.05 -31.17
CA ASP B 119 1.90 3.09 -32.63
C ASP B 119 1.07 4.23 -33.20
N ASP B 120 -0.02 4.61 -32.51
CA ASP B 120 -0.88 5.66 -33.04
C ASP B 120 -0.18 7.01 -33.04
N VAL B 121 0.80 7.21 -32.16
CA VAL B 121 1.47 8.49 -32.01
C VAL B 121 2.96 8.37 -32.36
N ARG B 122 3.34 7.29 -33.03
CA ARG B 122 4.68 7.11 -33.56
C ARG B 122 4.64 7.29 -35.08
N ARG B 123 5.57 8.09 -35.60
CA ARG B 123 5.71 8.29 -37.04
C ARG B 123 6.97 7.68 -37.61
N CYS B 124 7.82 7.08 -36.78
CA CYS B 124 9.12 6.56 -37.20
C CYS B 124 9.17 5.05 -37.30
N CYS B 125 8.55 4.33 -36.37
CA CYS B 125 8.57 2.89 -36.35
C CYS B 125 7.15 2.35 -36.25
N SER B 126 7.04 1.02 -36.25
CA SER B 126 5.76 0.36 -36.05
C SER B 126 6.04 -1.06 -35.54
N SER B 127 5.01 -1.66 -34.95
CA SER B 127 5.10 -3.04 -34.42
C SER B 127 6.24 -3.07 -33.39
N ALA B 128 7.08 -4.10 -33.39
CA ALA B 128 8.13 -4.25 -32.39
C ALA B 128 9.42 -3.53 -32.77
N ASP B 129 9.40 -2.70 -33.81
CA ASP B 129 10.58 -1.94 -34.18
C ASP B 129 10.73 -0.74 -33.27
N ILE B 130 11.98 -0.41 -32.95
CA ILE B 130 12.32 0.74 -32.12
C ILE B 130 13.49 1.47 -32.76
N CYS B 131 13.65 2.72 -32.39
CA CYS B 131 14.75 3.54 -32.89
C CYS B 131 14.98 4.68 -31.91
N PRO B 132 16.10 5.38 -32.01
CA PRO B 132 16.38 6.48 -31.07
C PRO B 132 15.32 7.58 -31.08
N LYS B 133 14.57 7.73 -32.18
CA LYS B 133 13.57 8.79 -32.23
C LYS B 133 12.39 8.49 -31.32
N CYS B 134 12.05 7.21 -31.13
CA CYS B 134 10.91 6.84 -30.31
C CYS B 134 11.28 6.24 -28.96
N TRP B 135 12.56 5.93 -28.72
CA TRP B 135 12.91 5.39 -27.41
C TRP B 135 12.72 6.42 -26.31
N THR B 136 12.72 7.71 -26.65
CA THR B 136 12.48 8.74 -25.64
C THR B 136 11.15 8.54 -24.94
N LEU B 137 10.18 7.94 -25.63
CA LEU B 137 8.93 7.58 -24.98
C LEU B 137 9.20 6.77 -23.73
N MET B 138 10.03 5.72 -23.87
CA MET B 138 10.37 4.88 -22.73
C MET B 138 11.08 5.70 -21.66
N THR B 139 11.96 6.61 -22.07
CA THR B 139 12.62 7.45 -21.07
C THR B 139 11.57 8.20 -20.26
N MET B 140 10.61 8.83 -20.95
CA MET B 140 9.57 9.56 -20.25
C MET B 140 8.73 8.62 -19.42
N ALA B 141 8.52 7.39 -19.91
CA ALA B 141 7.71 6.44 -19.16
C ALA B 141 8.40 6.05 -17.86
N ILE B 142 9.72 5.88 -17.89
CA ILE B 142 10.43 5.50 -16.67
C ILE B 142 10.32 6.62 -15.65
N ARG B 143 10.68 7.83 -16.07
CA ARG B 143 10.74 8.97 -15.16
C ARG B 143 9.35 9.32 -14.62
N ILE B 144 8.33 9.26 -15.47
CA ILE B 144 6.98 9.55 -15.01
C ILE B 144 6.55 8.53 -13.97
N ILE B 145 6.78 7.25 -14.25
CA ILE B 145 6.28 6.22 -13.35
C ILE B 145 7.16 6.12 -12.12
N ASP B 146 8.47 6.11 -12.31
CA ASP B 146 9.36 5.96 -11.16
C ASP B 146 9.11 7.06 -10.15
N ARG B 147 8.94 8.30 -10.62
CA ARG B 147 8.63 9.40 -9.71
C ARG B 147 7.40 9.04 -8.88
N ALA B 148 6.30 8.68 -9.56
CA ALA B 148 5.07 8.38 -8.84
C ALA B 148 5.31 7.26 -7.83
N LEU B 149 6.06 6.23 -8.22
CA LEU B 149 6.30 5.13 -7.30
C LEU B 149 7.15 5.60 -6.12
N LYS B 150 8.18 6.40 -6.39
CA LYS B 150 9.07 6.84 -5.32
C LYS B 150 8.39 7.85 -4.41
N GLU B 151 7.83 8.91 -4.99
CA GLU B 151 7.36 10.04 -4.23
C GLU B 151 5.92 9.89 -3.75
N ASP B 152 5.02 9.42 -4.62
CA ASP B 152 3.60 9.39 -4.27
C ASP B 152 3.22 8.15 -3.47
N PHE B 153 3.91 7.02 -3.68
CA PHE B 153 3.59 5.79 -2.99
C PHE B 153 4.63 5.37 -1.95
N GLY B 154 5.79 6.03 -1.94
CA GLY B 154 6.80 5.69 -0.96
C GLY B 154 7.57 4.41 -1.23
N PHE B 155 7.45 3.84 -2.43
CA PHE B 155 8.17 2.61 -2.74
C PHE B 155 9.65 2.92 -2.95
N LYS B 156 10.51 2.15 -2.29
CA LYS B 156 11.94 2.46 -2.25
C LYS B 156 12.80 1.52 -3.09
N HIS B 157 12.31 0.35 -3.48
CA HIS B 157 13.12 -0.66 -4.16
C HIS B 157 12.51 -0.96 -5.52
N ARG B 158 13.02 -0.29 -6.55
CA ARG B 158 12.46 -0.36 -7.89
C ARG B 158 13.57 -0.71 -8.86
N LEU B 159 13.42 -1.86 -9.52
CA LEU B 159 14.40 -2.34 -10.51
C LEU B 159 13.78 -2.20 -11.90
N TRP B 160 14.34 -1.29 -12.70
CA TRP B 160 13.91 -1.10 -14.08
C TRP B 160 14.80 -1.91 -14.99
N VAL B 161 14.18 -2.65 -15.92
CA VAL B 161 14.88 -3.61 -16.76
C VAL B 161 14.51 -3.38 -18.21
N TYR B 162 15.49 -3.49 -19.10
CA TYR B 162 15.23 -3.52 -20.52
C TYR B 162 14.70 -4.90 -20.91
N SER B 163 13.58 -4.91 -21.62
CA SER B 163 12.89 -6.17 -21.92
C SER B 163 13.63 -7.02 -22.95
N GLY B 164 14.54 -6.43 -23.71
CA GLY B 164 15.31 -7.17 -24.69
C GLY B 164 14.98 -6.85 -26.13
N ARG B 165 13.84 -6.19 -26.37
CA ARG B 165 13.44 -5.82 -27.71
C ARG B 165 12.76 -4.46 -27.78
N ARG B 166 11.54 -4.33 -27.21
CA ARG B 166 10.71 -3.18 -27.53
C ARG B 166 10.15 -2.46 -26.31
N GLY B 167 10.70 -2.68 -25.12
CA GLY B 167 10.16 -1.96 -23.98
C GLY B 167 10.92 -2.22 -22.70
N VAL B 168 10.24 -1.91 -21.59
CA VAL B 168 10.87 -1.96 -20.29
C VAL B 168 9.92 -2.57 -19.27
N HIS B 169 10.51 -3.12 -18.22
CA HIS B 169 9.82 -3.66 -17.07
C HIS B 169 10.23 -2.89 -15.82
N CYS B 170 9.35 -2.89 -14.83
CA CYS B 170 9.67 -2.40 -13.51
C CYS B 170 9.26 -3.43 -12.47
N TRP B 171 10.17 -3.74 -11.57
CA TRP B 171 9.94 -4.65 -10.44
C TRP B 171 9.99 -3.82 -9.16
N VAL B 172 8.84 -3.67 -8.50
CA VAL B 172 8.76 -3.02 -7.19
C VAL B 172 8.79 -4.12 -6.14
N CYS B 173 9.82 -4.08 -5.28
CA CYS B 173 10.19 -5.21 -4.44
C CYS B 173 10.14 -4.92 -2.95
N ASP B 174 9.56 -3.80 -2.54
CA ASP B 174 9.37 -3.52 -1.13
C ASP B 174 8.57 -4.63 -0.47
N GLU B 175 8.98 -5.03 0.73
CA GLU B 175 8.35 -6.17 1.39
C GLU B 175 6.85 -5.94 1.57
N SER B 176 6.43 -4.70 1.84
CA SER B 176 5.01 -4.39 1.92
C SER B 176 4.33 -4.45 0.56
N VAL B 177 5.05 -4.16 -0.51
CA VAL B 177 4.45 -4.19 -1.85
C VAL B 177 4.18 -5.62 -2.31
N ARG B 178 5.07 -6.55 -1.96
CA ARG B 178 4.89 -7.95 -2.37
C ARG B 178 3.68 -8.61 -1.74
N LYS B 179 3.15 -8.04 -0.66
CA LYS B 179 1.98 -8.60 0.00
C LYS B 179 0.66 -8.02 -0.47
N LEU B 180 0.70 -7.01 -1.34
CA LEU B 180 -0.52 -6.33 -1.77
C LEU B 180 -1.45 -7.28 -2.52
N SER B 181 -2.74 -6.97 -2.47
CA SER B 181 -3.74 -7.76 -3.16
C SER B 181 -3.92 -7.27 -4.60
N SER B 182 -4.70 -8.02 -5.37
CA SER B 182 -4.99 -7.61 -6.74
C SER B 182 -5.74 -6.29 -6.75
N ALA B 183 -6.64 -6.08 -5.77
CA ALA B 183 -7.43 -4.86 -5.72
C ALA B 183 -6.54 -3.63 -5.52
N VAL B 184 -5.61 -3.70 -4.57
CA VAL B 184 -4.73 -2.58 -4.30
C VAL B 184 -3.88 -2.28 -5.54
N ARG B 185 -3.42 -3.34 -6.22
CA ARG B 185 -2.59 -3.16 -7.41
C ARG B 185 -3.37 -2.47 -8.53
N SER B 186 -4.61 -2.90 -8.77
CA SER B 186 -5.42 -2.26 -9.79
C SER B 186 -5.70 -0.81 -9.44
N GLY B 187 -5.84 -0.50 -8.15
CA GLY B 187 -6.01 0.89 -7.75
C GLY B 187 -4.76 1.71 -8.03
N ILE B 188 -3.59 1.11 -7.83
CA ILE B 188 -2.34 1.81 -8.15
C ILE B 188 -2.29 2.13 -9.64
N VAL B 189 -2.66 1.16 -10.48
CA VAL B 189 -2.67 1.42 -11.93
C VAL B 189 -3.64 2.55 -12.26
N GLU B 190 -4.86 2.48 -11.70
CA GLU B 190 -5.85 3.53 -11.94
C GLU B 190 -5.30 4.90 -11.59
N TYR B 191 -4.64 5.02 -10.43
CA TYR B 191 -4.02 6.28 -10.08
C TYR B 191 -3.00 6.70 -11.13
N LEU B 192 -2.28 5.74 -11.70
CA LEU B 192 -1.22 6.07 -12.66
C LEU B 192 -1.73 6.25 -14.07
N SER B 193 -2.99 5.92 -14.37
CA SER B 193 -3.47 5.86 -15.75
C SER B 193 -4.11 7.18 -16.18
N LEU B 194 -3.73 7.64 -17.37
CA LEU B 194 -4.36 8.82 -17.95
C LEU B 194 -4.79 8.55 -19.39
N VAL B 195 -4.08 7.67 -20.08
CA VAL B 195 -4.38 7.35 -21.47
C VAL B 195 -5.22 6.08 -21.47
N LYS B 196 -6.50 6.23 -21.76
CA LYS B 196 -7.46 5.13 -21.70
C LYS B 196 -8.21 5.04 -23.02
N GLY B 197 -8.35 3.81 -23.53
CA GLY B 197 -9.06 3.58 -24.77
C GLY B 197 -8.28 2.82 -25.83
N GLY B 198 -8.99 2.08 -26.66
CA GLY B 198 -8.39 1.36 -27.76
C GLY B 198 -8.39 2.17 -29.05
N GLN B 199 -8.26 1.45 -30.17
CA GLN B 199 -8.30 2.09 -31.48
C GLN B 199 -9.66 2.67 -31.81
N ASP B 200 -10.71 2.22 -31.12
CA ASP B 200 -12.04 2.78 -31.33
C ASP B 200 -12.08 4.25 -30.91
N VAL B 201 -11.32 4.60 -29.88
CA VAL B 201 -11.33 5.95 -29.30
C VAL B 201 -10.30 6.81 -30.01
N LYS B 202 -10.70 8.03 -30.37
CA LYS B 202 -9.82 9.01 -31.00
C LYS B 202 -9.07 9.83 -29.96
N LYS B 203 -9.79 10.40 -29.00
CA LYS B 203 -9.21 11.18 -27.92
C LYS B 203 -9.14 10.28 -26.68
N LYS B 204 -7.93 10.00 -26.22
CA LYS B 204 -7.70 9.03 -25.16
C LYS B 204 -7.40 9.67 -23.81
N VAL B 205 -7.31 11.00 -23.76
CA VAL B 205 -7.01 11.72 -22.53
C VAL B 205 -8.06 12.82 -22.36
N HIS B 206 -8.61 12.92 -21.16
CA HIS B 206 -9.58 13.96 -20.81
C HIS B 206 -9.29 14.45 -19.41
N LEU B 207 -8.94 15.72 -19.28
CA LEU B 207 -8.60 16.30 -18.00
C LEU B 207 -9.77 17.10 -17.47
N SER B 208 -9.96 17.06 -16.16
CA SER B 208 -10.95 17.88 -15.48
C SER B 208 -10.35 19.23 -15.16
N GLU B 209 -11.20 20.15 -14.72
CA GLU B 209 -10.75 21.50 -14.37
C GLU B 209 -9.71 21.46 -13.26
N LYS B 210 -9.98 20.72 -12.19
CA LYS B 210 -9.04 20.63 -11.07
C LYS B 210 -7.88 19.72 -11.44
N ILE B 211 -6.66 20.24 -11.28
CA ILE B 211 -5.45 19.51 -11.63
C ILE B 211 -4.88 18.86 -10.36
N HIS B 212 -4.77 17.54 -10.38
CA HIS B 212 -4.15 16.79 -9.30
C HIS B 212 -2.63 16.83 -9.45
N PRO B 213 -1.88 16.93 -8.33
CA PRO B 213 -0.42 17.01 -8.44
C PRO B 213 0.24 15.97 -9.33
N PHE B 214 -0.28 14.73 -9.34
CA PHE B 214 0.30 13.71 -10.21
C PHE B 214 0.26 14.17 -11.67
N ILE B 215 -0.86 14.77 -12.09
CA ILE B 215 -0.98 15.23 -13.48
C ILE B 215 0.03 16.34 -13.74
N ARG B 216 0.13 17.29 -12.81
CA ARG B 216 1.05 18.41 -12.97
C ARG B 216 2.49 17.92 -13.09
N LYS B 217 2.90 17.02 -12.20
CA LYS B 217 4.28 16.56 -12.18
C LYS B 217 4.62 15.73 -13.40
N SER B 218 3.70 14.86 -13.84
CA SER B 218 3.94 14.10 -15.06
C SER B 218 4.04 15.01 -16.26
N ILE B 219 3.19 16.04 -16.32
CA ILE B 219 3.28 17.02 -17.40
C ILE B 219 4.62 17.73 -17.38
N ASN B 220 5.10 18.09 -16.19
CA ASN B 220 6.39 18.79 -16.13
C ASN B 220 7.51 17.90 -16.61
N ILE B 221 7.40 16.58 -16.41
CA ILE B 221 8.40 15.68 -16.99
C ILE B 221 8.31 15.73 -18.51
N ILE B 222 7.09 15.59 -19.06
CA ILE B 222 6.95 15.59 -20.52
C ILE B 222 7.47 16.88 -21.12
N LYS B 223 7.32 18.01 -20.42
CA LYS B 223 7.74 19.29 -20.98
C LYS B 223 9.24 19.34 -21.26
N LYS B 224 10.06 18.64 -20.49
CA LYS B 224 11.49 18.70 -20.77
C LYS B 224 11.88 17.99 -22.07
N TYR B 225 11.04 17.05 -22.54
CA TYR B 225 11.37 16.26 -23.71
C TYR B 225 10.49 16.57 -24.91
N PHE B 226 9.37 17.29 -24.71
CA PHE B 226 8.36 17.37 -25.75
C PHE B 226 8.87 18.04 -27.01
N GLU B 227 9.71 19.07 -26.87
CA GLU B 227 10.14 19.82 -28.05
C GLU B 227 10.99 18.96 -28.97
N GLU B 228 12.08 18.40 -28.45
CA GLU B 228 12.98 17.62 -29.28
C GLU B 228 12.32 16.33 -29.75
N TYR B 229 11.52 15.70 -28.90
CA TYR B 229 10.93 14.41 -29.27
C TYR B 229 9.79 14.59 -30.26
N ALA B 230 8.79 15.40 -29.91
CA ALA B 230 7.55 15.47 -30.67
C ALA B 230 7.63 16.43 -31.85
N LEU B 231 8.29 17.57 -31.68
CA LEU B 231 8.32 18.61 -32.69
C LEU B 231 9.51 18.51 -33.65
N VAL B 232 10.55 17.78 -33.28
CA VAL B 232 11.76 17.64 -34.10
C VAL B 232 11.91 16.21 -34.60
N ASN B 233 12.05 15.25 -33.68
CA ASN B 233 12.25 13.86 -34.07
C ASN B 233 10.99 13.28 -34.71
N GLN B 234 9.82 13.53 -34.13
CA GLN B 234 8.58 13.01 -34.67
C GLN B 234 7.90 13.95 -35.67
N ASP B 235 8.06 15.26 -35.52
CA ASP B 235 7.45 16.24 -36.42
C ASP B 235 5.95 16.02 -36.56
N ILE B 236 5.28 16.02 -35.40
CA ILE B 236 3.85 15.73 -35.35
C ILE B 236 3.00 16.78 -36.07
N LEU B 237 3.58 17.95 -36.38
CA LEU B 237 2.86 19.00 -37.10
C LEU B 237 3.52 19.28 -38.44
N GLU B 238 3.85 18.24 -39.19
CA GLU B 238 4.56 18.42 -40.46
C GLU B 238 3.61 18.81 -41.59
N ASN B 239 2.57 18.00 -41.82
CA ASN B 239 1.65 18.22 -42.93
C ASN B 239 0.22 17.99 -42.45
N LYS B 240 -0.74 18.09 -43.37
CA LYS B 240 -2.15 17.95 -42.98
C LYS B 240 -2.45 16.52 -42.53
N GLU B 241 -1.85 15.52 -43.19
CA GLU B 241 -2.11 14.13 -42.82
C GLU B 241 -1.74 13.87 -41.36
N SER B 242 -0.70 14.54 -40.86
CA SER B 242 -0.25 14.33 -39.49
C SER B 242 -0.93 15.26 -38.51
N TRP B 243 -1.03 16.55 -38.83
CA TRP B 243 -1.62 17.47 -37.86
C TRP B 243 -3.14 17.34 -37.79
N ASP B 244 -3.76 16.61 -38.72
CA ASP B 244 -5.17 16.30 -38.56
C ASP B 244 -5.39 15.33 -37.40
N LYS B 245 -4.38 14.50 -37.10
CA LYS B 245 -4.47 13.62 -35.93
C LYS B 245 -4.46 14.44 -34.64
N ILE B 246 -3.75 15.57 -34.63
CA ILE B 246 -3.80 16.46 -33.47
C ILE B 246 -5.11 17.23 -33.44
N LEU B 247 -5.55 17.73 -34.59
CA LEU B 247 -6.83 18.44 -34.64
C LEU B 247 -7.99 17.54 -34.29
N ALA B 248 -7.83 16.22 -34.40
CA ALA B 248 -8.85 15.28 -33.95
C ALA B 248 -9.01 15.28 -32.44
N LEU B 249 -8.07 15.87 -31.71
CA LEU B 249 -8.07 15.90 -30.26
C LEU B 249 -8.61 17.20 -29.69
N VAL B 250 -9.03 18.14 -30.53
CA VAL B 250 -9.52 19.43 -30.07
C VAL B 250 -10.97 19.60 -30.52
N PRO B 251 -11.70 20.57 -29.97
CA PRO B 251 -13.07 20.82 -30.44
C PRO B 251 -13.08 21.28 -31.89
N GLU B 252 -14.23 21.08 -32.54
CA GLU B 252 -14.37 21.48 -33.93
C GLU B 252 -14.41 22.99 -34.09
N THR B 253 -14.93 23.70 -33.08
CA THR B 253 -15.15 25.13 -33.17
C THR B 253 -13.85 25.93 -33.31
N ILE B 254 -12.69 25.30 -33.13
CA ILE B 254 -11.41 25.97 -33.31
C ILE B 254 -10.59 25.34 -34.42
N HIS B 255 -11.16 24.40 -35.17
CA HIS B 255 -10.41 23.73 -36.23
C HIS B 255 -9.91 24.73 -37.25
N ASP B 256 -10.81 25.53 -37.80
CA ASP B 256 -10.47 26.40 -38.93
C ASP B 256 -9.34 27.35 -38.56
N GLU B 257 -9.44 28.01 -37.40
CA GLU B 257 -8.40 28.95 -37.00
C GLU B 257 -7.04 28.29 -36.99
N LEU B 258 -6.96 27.03 -36.57
CA LEU B 258 -5.68 26.35 -36.55
C LEU B 258 -5.26 25.96 -37.96
N GLN B 259 -6.23 25.48 -38.75
CA GLN B 259 -5.92 25.03 -40.11
C GLN B 259 -5.10 26.09 -40.82
N GLN B 260 -5.60 27.32 -40.85
CA GLN B 260 -4.93 28.39 -41.59
C GLN B 260 -3.57 28.69 -40.99
N SER B 261 -3.50 28.83 -39.66
CA SER B 261 -2.22 29.16 -39.04
C SER B 261 -1.20 28.06 -39.31
N PHE B 262 -1.67 26.81 -39.44
CA PHE B 262 -0.74 25.74 -39.77
C PHE B 262 -0.18 25.92 -41.18
N GLN B 263 -1.01 26.33 -42.12
CA GLN B 263 -0.54 26.52 -43.50
C GLN B 263 0.38 27.72 -43.60
N LYS B 264 0.15 28.75 -42.79
CA LYS B 264 1.01 29.93 -42.81
C LYS B 264 2.33 29.70 -42.10
N SER B 265 2.36 28.85 -41.09
CA SER B 265 3.63 28.53 -40.44
C SER B 265 4.42 27.58 -41.34
N HIS B 266 5.67 27.32 -40.95
CA HIS B 266 6.60 26.60 -41.79
C HIS B 266 7.15 25.34 -41.16
N ASN B 267 6.97 25.15 -39.86
CA ASN B 267 7.50 23.98 -39.17
C ASN B 267 6.66 23.69 -37.93
N SER B 268 6.96 22.55 -37.30
CA SER B 268 6.16 22.12 -36.15
C SER B 268 6.31 23.05 -34.95
N LEU B 269 7.49 23.62 -34.76
CA LEU B 269 7.71 24.52 -33.63
C LEU B 269 6.70 25.67 -33.64
N GLN B 270 6.67 26.43 -34.74
CA GLN B 270 5.75 27.57 -34.84
C GLN B 270 4.30 27.12 -34.71
N ARG B 271 3.94 26.00 -35.34
CA ARG B 271 2.57 25.53 -35.30
C ARG B 271 2.15 25.15 -33.89
N TRP B 272 3.08 24.58 -33.11
CA TRP B 272 2.76 24.24 -31.73
C TRP B 272 2.56 25.49 -30.88
N GLU B 273 3.37 26.53 -31.12
CA GLU B 273 3.16 27.77 -30.38
C GLU B 273 1.77 28.34 -30.66
N HIS B 274 1.36 28.33 -31.94
CA HIS B 274 0.03 28.79 -32.27
C HIS B 274 -1.05 27.96 -31.59
N LEU B 275 -0.88 26.63 -31.60
CA LEU B 275 -1.86 25.76 -30.98
C LEU B 275 -2.00 26.07 -29.50
N LYS B 276 -0.89 26.29 -28.81
CA LYS B 276 -0.97 26.58 -27.38
C LYS B 276 -1.78 27.85 -27.16
N LYS B 277 -1.54 28.88 -27.98
CA LYS B 277 -2.28 30.13 -27.77
C LYS B 277 -3.79 29.92 -27.99
N VAL B 278 -4.15 29.27 -29.10
CA VAL B 278 -5.56 29.10 -29.41
C VAL B 278 -6.25 28.27 -28.32
N ALA B 279 -5.61 27.18 -27.90
CA ALA B 279 -6.20 26.31 -26.89
C ALA B 279 -6.35 27.05 -25.56
N SER B 280 -5.37 27.87 -25.20
CA SER B 280 -5.47 28.61 -23.95
C SER B 280 -6.50 29.72 -24.02
N ARG B 281 -6.98 30.10 -25.21
CA ARG B 281 -8.06 31.06 -25.29
C ARG B 281 -9.44 30.43 -25.51
N TYR B 282 -9.52 29.11 -25.67
CA TYR B 282 -10.81 28.47 -25.87
C TYR B 282 -11.59 28.37 -24.56
N GLN B 283 -12.90 28.63 -24.63
CA GLN B 283 -13.76 28.63 -23.46
C GLN B 283 -14.50 27.29 -23.41
N ASN B 284 -14.03 26.37 -22.55
CA ASN B 284 -14.74 25.10 -22.39
C ASN B 284 -16.12 25.35 -21.79
N ASN B 285 -16.18 26.07 -20.67
CA ASN B 285 -17.43 26.36 -19.98
C ASN B 285 -17.86 27.79 -20.25
N ILE B 286 -19.07 27.97 -20.75
CA ILE B 286 -19.57 29.30 -21.06
C ILE B 286 -20.04 30.02 -19.80
N LYS B 287 -20.32 29.29 -18.72
CA LYS B 287 -20.66 29.90 -17.43
C LYS B 287 -19.58 30.86 -16.96
N ASN B 288 -18.40 30.32 -16.65
CA ASN B 288 -17.30 31.13 -16.16
C ASN B 288 -16.45 31.61 -17.33
N ASP B 289 -15.51 32.51 -17.02
CA ASP B 289 -14.55 32.98 -18.00
C ASP B 289 -13.18 32.39 -17.67
N LYS B 290 -13.14 31.08 -17.45
CA LYS B 290 -11.93 30.38 -17.03
C LYS B 290 -11.26 29.77 -18.24
N TYR B 291 -9.95 30.02 -18.39
CA TYR B 291 -9.17 29.50 -19.50
C TYR B 291 -7.90 28.85 -18.94
N GLY B 292 -7.41 27.85 -19.65
CA GLY B 292 -6.28 27.08 -19.17
C GLY B 292 -5.61 26.20 -20.21
N PRO B 293 -4.65 25.39 -19.75
CA PRO B 293 -3.86 24.58 -20.68
C PRO B 293 -4.38 23.15 -20.84
N TRP B 294 -5.66 22.93 -20.54
CA TRP B 294 -6.18 21.57 -20.52
C TRP B 294 -6.01 20.87 -21.87
N LEU B 295 -6.37 21.54 -22.97
CA LEU B 295 -6.24 20.92 -24.28
C LEU B 295 -4.77 20.64 -24.61
N GLU B 296 -3.91 21.63 -24.39
CA GLU B 296 -2.47 21.45 -24.59
C GLU B 296 -1.98 20.20 -23.85
N TRP B 297 -2.36 20.09 -22.56
CA TRP B 297 -1.88 18.97 -21.76
C TRP B 297 -2.46 17.66 -22.26
N GLU B 298 -3.73 17.64 -22.63
CA GLU B 298 -4.33 16.40 -23.13
C GLU B 298 -3.59 15.90 -24.36
N ILE B 299 -3.17 16.82 -25.24
CA ILE B 299 -2.43 16.42 -26.43
C ILE B 299 -1.07 15.86 -26.05
N MET B 300 -0.35 16.57 -25.17
N MET B 300 -0.34 16.56 -25.17
CA MET B 300 0.96 16.10 -24.74
CA MET B 300 0.96 16.09 -24.74
C MET B 300 0.86 14.72 -24.08
C MET B 300 0.85 14.72 -24.09
N LEU B 301 -0.17 14.51 -23.26
CA LEU B 301 -0.34 13.24 -22.57
C LEU B 301 -0.66 12.13 -23.56
N GLN B 302 -1.55 12.39 -24.52
CA GLN B 302 -1.90 11.36 -25.49
C GLN B 302 -0.71 10.97 -26.34
N TYR B 303 0.27 11.87 -26.51
CA TYR B 303 1.43 11.52 -27.33
C TYR B 303 2.63 11.02 -26.53
N CYS B 304 2.68 11.23 -25.21
CA CYS B 304 3.88 10.89 -24.44
C CYS B 304 3.64 10.10 -23.16
N PHE B 305 2.42 10.02 -22.65
CA PHE B 305 2.20 9.36 -21.36
C PHE B 305 2.16 7.84 -21.54
N PRO B 306 2.73 7.07 -20.60
CA PRO B 306 2.71 5.61 -20.73
C PRO B 306 1.32 4.99 -20.74
N ARG B 307 1.20 3.87 -21.47
CA ARG B 307 0.01 3.04 -21.51
C ARG B 307 0.19 1.86 -20.56
N LEU B 308 -0.61 1.83 -19.50
CA LEU B 308 -0.49 0.83 -18.44
C LEU B 308 -1.56 -0.25 -18.61
N ASP B 309 -1.11 -1.47 -18.86
CA ASP B 309 -1.96 -2.65 -18.93
C ASP B 309 -2.36 -3.12 -17.53
N ILE B 310 -3.64 -2.99 -17.20
CA ILE B 310 -4.09 -3.29 -15.84
C ILE B 310 -3.82 -4.76 -15.50
N ASN B 311 -3.82 -5.64 -16.52
CA ASN B 311 -3.70 -7.07 -16.27
C ASN B 311 -2.28 -7.49 -15.89
N VAL B 312 -1.26 -6.79 -16.41
CA VAL B 312 0.11 -7.10 -16.01
C VAL B 312 0.31 -6.84 -14.53
N SER B 313 -0.30 -5.79 -14.02
CA SER B 313 -0.01 -5.32 -12.67
C SER B 313 -0.93 -5.89 -11.61
N LYS B 314 -2.20 -6.17 -11.95
CA LYS B 314 -3.11 -6.68 -10.93
C LYS B 314 -3.03 -8.19 -10.75
N GLY B 315 -2.58 -8.93 -11.75
CA GLY B 315 -2.52 -10.37 -11.59
C GLY B 315 -1.34 -10.78 -10.73
N ILE B 316 -1.62 -11.35 -9.56
CA ILE B 316 -0.55 -11.74 -8.65
C ILE B 316 0.29 -12.88 -9.22
N ASN B 317 -0.33 -13.76 -10.01
CA ASN B 317 0.35 -14.91 -10.58
C ASN B 317 0.92 -14.65 -11.97
N HIS B 318 1.04 -13.38 -12.37
CA HIS B 318 1.48 -13.07 -13.71
C HIS B 318 2.94 -13.43 -13.89
N LEU B 319 3.23 -14.17 -14.97
CA LEU B 319 4.61 -14.50 -15.29
C LEU B 319 5.24 -13.35 -16.05
N LEU B 320 6.45 -12.98 -15.67
CA LEU B 320 7.15 -11.88 -16.33
C LEU B 320 8.58 -12.30 -16.60
N LYS B 321 9.10 -11.89 -17.75
CA LYS B 321 10.45 -12.26 -18.13
C LYS B 321 11.44 -11.78 -17.07
N SER B 322 12.41 -12.65 -16.76
CA SER B 322 13.35 -12.42 -15.69
C SER B 322 14.46 -11.46 -16.14
N PRO B 323 14.93 -10.59 -15.26
CA PRO B 323 16.16 -9.85 -15.55
C PRO B 323 17.30 -10.80 -15.84
N PHE B 324 18.17 -10.40 -16.77
CA PHE B 324 19.29 -11.23 -17.23
C PHE B 324 18.82 -12.47 -17.97
N SER B 325 17.57 -12.50 -18.39
CA SER B 325 17.14 -13.48 -19.37
C SER B 325 17.49 -12.99 -20.77
N VAL B 326 17.61 -13.93 -21.68
CA VAL B 326 17.90 -13.60 -23.07
C VAL B 326 16.58 -13.52 -23.82
N HIS B 327 16.46 -12.53 -24.72
CA HIS B 327 15.30 -12.46 -25.58
C HIS B 327 15.55 -13.34 -26.80
N PRO B 328 14.84 -14.45 -26.97
CA PRO B 328 15.18 -15.41 -28.03
C PRO B 328 14.99 -14.87 -29.44
N LYS B 329 14.35 -13.72 -29.61
CA LYS B 329 14.13 -13.15 -30.94
C LYS B 329 15.14 -12.07 -31.31
N THR B 330 15.93 -11.58 -30.34
CA THR B 330 16.95 -10.59 -30.61
C THR B 330 18.34 -10.97 -30.12
N GLY B 331 18.48 -12.01 -29.30
CA GLY B 331 19.74 -12.32 -28.67
C GLY B 331 20.16 -11.36 -27.58
N ARG B 332 19.42 -10.27 -27.38
CA ARG B 332 19.77 -9.28 -26.36
C ARG B 332 19.48 -9.83 -24.97
N ILE B 333 20.14 -9.26 -23.98
CA ILE B 333 20.00 -9.67 -22.59
C ILE B 333 19.18 -8.63 -21.85
N SER B 334 18.20 -9.11 -21.08
CA SER B 334 17.41 -8.23 -20.20
C SER B 334 18.31 -7.68 -19.11
N VAL B 335 18.78 -6.46 -19.32
CA VAL B 335 19.75 -5.84 -18.42
C VAL B 335 19.05 -4.77 -17.58
N PRO B 336 19.45 -4.58 -16.33
CA PRO B 336 18.92 -3.45 -15.55
C PRO B 336 19.32 -2.12 -16.17
N ILE B 337 18.54 -1.10 -15.84
CA ILE B 337 18.74 0.25 -16.36
C ILE B 337 19.22 1.12 -15.21
N ASP B 338 20.37 1.76 -15.39
CA ASP B 338 20.89 2.68 -14.39
C ASP B 338 20.01 3.92 -14.37
N LEU B 339 19.24 4.10 -13.31
CA LEU B 339 18.31 5.23 -13.25
C LEU B 339 19.03 6.57 -13.26
N GLN B 340 20.25 6.62 -12.74
CA GLN B 340 21.01 7.86 -12.83
C GLN B 340 21.45 8.18 -14.25
N LYS B 341 21.31 7.22 -15.17
CA LYS B 341 21.67 7.41 -16.57
C LYS B 341 20.55 6.94 -17.47
N VAL B 342 19.31 7.26 -17.12
CA VAL B 342 18.16 6.78 -17.89
C VAL B 342 18.16 7.42 -19.27
N ASP B 343 18.55 8.69 -19.36
CA ASP B 343 18.55 9.39 -20.64
C ASP B 343 19.57 8.79 -21.61
N GLN B 344 20.71 8.34 -21.08
CA GLN B 344 21.78 7.81 -21.91
C GLN B 344 21.59 6.34 -22.26
N PHE B 345 20.57 5.68 -21.73
CA PHE B 345 20.38 4.27 -22.02
C PHE B 345 20.04 4.07 -23.50
N ASP B 346 20.83 3.25 -24.17
CA ASP B 346 20.64 3.00 -25.61
C ASP B 346 20.41 1.51 -25.85
N PRO B 347 19.19 1.08 -26.15
CA PRO B 347 18.96 -0.36 -26.40
C PRO B 347 19.76 -0.92 -27.55
N PHE B 348 20.31 -0.09 -28.44
CA PHE B 348 21.04 -0.59 -29.60
C PHE B 348 22.45 -1.02 -29.24
N THR B 349 22.96 -0.63 -28.07
CA THR B 349 24.24 -1.08 -27.57
C THR B 349 24.10 -2.12 -26.45
N VAL B 350 22.89 -2.54 -26.13
CA VAL B 350 22.71 -3.60 -25.12
C VAL B 350 23.40 -4.86 -25.61
N PRO B 351 24.22 -5.52 -24.80
CA PRO B 351 24.98 -6.67 -25.29
C PRO B 351 24.06 -7.81 -25.70
N THR B 352 24.45 -8.50 -26.77
CA THR B 352 23.82 -9.75 -27.17
C THR B 352 24.56 -10.91 -26.52
N ILE B 353 23.88 -12.05 -26.46
CA ILE B 353 24.52 -13.25 -25.89
C ILE B 353 25.73 -13.64 -26.73
N SER B 354 25.62 -13.50 -28.05
CA SER B 354 26.74 -13.82 -28.93
C SER B 354 27.94 -12.95 -28.62
N PHE B 355 27.72 -11.66 -28.40
CA PHE B 355 28.83 -10.73 -28.19
C PHE B 355 29.59 -11.03 -26.90
N ILE B 356 28.87 -11.18 -25.79
CA ILE B 356 29.58 -11.41 -24.53
C ILE B 356 30.18 -12.81 -24.50
N CYS B 357 29.55 -13.78 -25.18
CA CYS B 357 30.17 -15.09 -25.30
C CYS B 357 31.49 -15.01 -26.07
N ARG B 358 31.55 -14.15 -27.08
CA ARG B 358 32.81 -13.96 -27.80
C ARG B 358 33.84 -13.28 -26.89
N GLU B 359 33.42 -12.23 -26.19
CA GLU B 359 34.32 -11.53 -25.27
C GLU B 359 34.91 -12.50 -24.25
N LEU B 360 34.19 -13.59 -23.97
CA LEU B 360 34.62 -14.52 -22.91
C LEU B 360 35.95 -15.20 -23.26
N ASP B 361 36.17 -15.55 -24.53
CA ASP B 361 37.38 -16.28 -24.90
C ASP B 361 38.54 -15.35 -25.23
N ALA B 362 38.37 -14.05 -25.00
CA ALA B 362 39.44 -13.08 -25.18
C ALA B 362 40.31 -12.91 -23.94
N ILE B 363 39.94 -13.54 -22.82
CA ILE B 363 40.67 -13.39 -21.57
C ILE B 363 41.80 -14.42 -21.52
N ASP B 385 33.73 -15.20 -16.44
CA ASP B 385 33.40 -14.21 -15.42
C ASP B 385 32.79 -12.98 -16.09
N TYR B 386 31.62 -12.55 -15.61
CA TYR B 386 30.92 -11.45 -16.26
C TYR B 386 31.70 -10.14 -16.17
N LYS B 387 32.51 -9.98 -15.12
CA LYS B 387 33.31 -8.76 -15.00
C LYS B 387 34.30 -8.60 -16.15
N LYS B 388 34.53 -9.66 -16.93
CA LYS B 388 35.42 -9.62 -18.07
C LYS B 388 34.73 -9.22 -19.36
N THR B 389 33.44 -8.84 -19.29
CA THR B 389 32.65 -8.62 -20.48
C THR B 389 31.88 -7.30 -20.35
N SER B 390 31.11 -6.98 -21.39
N SER B 390 31.11 -6.98 -21.39
CA SER B 390 30.29 -5.78 -21.39
CA SER B 390 30.29 -5.78 -21.38
C SER B 390 29.06 -5.92 -20.51
C SER B 390 29.07 -5.91 -20.49
N LEU B 391 28.81 -7.09 -19.93
CA LEU B 391 27.70 -7.30 -19.00
C LEU B 391 27.99 -6.74 -17.62
N ALA B 392 29.27 -6.42 -17.33
CA ALA B 392 29.66 -6.02 -15.98
C ALA B 392 28.88 -4.82 -15.46
N PRO B 393 28.87 -3.66 -16.13
CA PRO B 393 28.20 -2.49 -15.55
C PRO B 393 26.74 -2.73 -15.22
N TYR B 394 26.09 -3.62 -15.98
CA TYR B 394 24.68 -3.93 -15.71
C TYR B 394 24.54 -4.77 -14.44
N VAL B 395 25.47 -5.69 -14.21
CA VAL B 395 25.47 -6.42 -12.94
C VAL B 395 25.76 -5.48 -11.78
N LYS B 396 26.60 -4.46 -12.02
CA LYS B 396 26.84 -3.47 -10.96
C LYS B 396 25.57 -2.71 -10.62
N VAL B 397 24.78 -2.33 -11.63
CA VAL B 397 23.47 -1.74 -11.38
C VAL B 397 22.62 -2.68 -10.51
N PHE B 398 22.60 -3.97 -10.89
CA PHE B 398 21.82 -4.96 -10.15
C PHE B 398 22.28 -5.04 -8.69
N GLU B 399 23.59 -4.92 -8.47
CA GLU B 399 24.13 -5.03 -7.12
C GLU B 399 23.82 -3.79 -6.29
N HIS B 400 23.85 -2.60 -6.89
CA HIS B 400 23.42 -1.42 -6.18
C HIS B 400 21.99 -1.59 -5.67
N PHE B 401 21.12 -2.14 -6.52
CA PHE B 401 19.74 -2.41 -6.10
C PHE B 401 19.70 -3.45 -4.98
N LEU B 402 20.53 -4.48 -5.07
CA LEU B 402 20.54 -5.52 -4.05
C LEU B 402 21.04 -4.98 -2.71
N GLU B 403 22.03 -4.09 -2.74
CA GLU B 403 22.58 -3.52 -1.52
C GLU B 403 21.58 -2.60 -0.85
N ASN B 404 20.83 -1.83 -1.63
CA ASN B 404 19.74 -1.04 -1.05
C ASN B 404 18.70 -1.95 -0.41
N LEU B 405 18.37 -3.07 -1.06
CA LEU B 405 17.46 -4.03 -0.42
C LEU B 405 18.03 -4.52 0.90
N ASP B 406 19.35 -4.76 0.95
CA ASP B 406 19.96 -5.29 2.17
C ASP B 406 19.94 -4.27 3.31
N LYS B 407 20.24 -3.00 3.03
CA LYS B 407 20.22 -2.00 4.10
C LYS B 407 18.86 -1.93 4.78
N SER B 408 17.78 -1.93 4.00
CA SER B 408 16.44 -1.79 4.55
C SER B 408 16.05 -2.90 5.52
N ARG B 409 16.79 -4.01 5.53
CA ARG B 409 16.47 -5.11 6.42
C ARG B 409 17.23 -5.04 7.74
N LYS B 410 16.64 -5.63 8.78
CA LYS B 410 17.23 -5.66 10.11
C LYS B 410 18.18 -6.85 10.20
ZN ZN C . 3.34 -7.54 10.77
MN MN D . -3.12 5.10 18.43
N6 HEJ E . 1.28 16.31 21.23
C6 HEJ E . 0.05 15.89 21.56
N1 HEJ E . -0.68 16.66 22.39
C2 HEJ E . -1.92 16.25 22.72
N3 HEJ E . -2.57 15.15 22.35
C4 HEJ E . -1.82 14.41 21.53
C5 HEJ E . -0.52 14.69 21.09
N7 HEJ E . -0.07 13.69 20.24
C8 HEJ E . -1.08 12.85 20.19
N9 HEJ E . -2.16 13.22 20.94
C1' HEJ E . -3.41 12.47 21.06
O4' HEJ E . -3.10 11.11 21.36
C4' HEJ E . -3.75 10.26 20.40
C5' HEJ E . -2.99 8.97 20.23
O5' HEJ E . -1.63 9.21 19.82
PA HEJ E . -1.08 8.31 18.66
O2A HEJ E . -1.49 6.85 18.97
O1A HEJ E . 0.38 8.39 18.46
O3A HEJ E . -1.84 8.73 17.34
PB HEJ E . -3.12 8.13 16.59
O1B HEJ E . -4.08 9.20 16.30
O2B HEJ E . -3.71 6.99 17.43
O3B HEJ E . -2.54 7.50 15.26
PG HEJ E . -1.53 6.28 15.13
O3G HEJ E . -2.11 5.32 14.13
O2G HEJ E . -1.57 5.56 16.45
O1G HEJ E . -0.22 6.78 14.78
C3' HEJ E . -3.82 11.12 19.16
O3' HEJ E . -4.81 10.63 18.27
C2' HEJ E . -4.20 12.47 19.76
O31 HEJ E . -3.79 13.57 18.94
H1 HEJ E . 1.66 17.17 21.59
H2 HEJ E . 1.87 15.76 20.61
H3 HEJ E . -2.45 16.92 23.39
H4 HEJ E . -1.07 11.93 19.59
H5 HEJ E . -3.98 12.84 21.91
H6 HEJ E . -4.72 10.05 20.84
H7 HEJ E . -2.99 8.42 21.18
H8 HEJ E . -3.49 8.34 19.49
H13 HEJ E . -2.88 11.16 18.63
H14 HEJ E . -5.61 11.20 18.38
H15 HEJ E . -5.27 12.53 19.93
H16 HEJ E . -4.42 14.31 19.14
C1 EDO F . -0.90 7.60 -4.22
O1 EDO F . -0.73 8.91 -3.65
C2 EDO F . -2.08 6.90 -3.55
O2 EDO F . -1.81 6.72 -2.16
H11 EDO F . 0.01 7.02 -4.07
H12 EDO F . -1.07 7.68 -5.30
HO1 EDO F . 0.03 9.35 -4.07
H21 EDO F . -2.98 7.50 -3.69
H22 EDO F . -2.25 5.93 -4.03
HO2 EDO F . -2.56 6.26 -1.75
C1 EDO G . -23.37 1.66 16.24
O1 EDO G . -24.47 2.41 16.75
C2 EDO G . -23.32 0.32 16.96
O2 EDO G . -22.73 0.55 18.24
H11 EDO G . -23.49 1.51 15.17
H12 EDO G . -22.44 2.21 16.40
HO1 EDO G . -24.30 3.35 16.66
H21 EDO G . -24.32 -0.09 17.06
H22 EDO G . -22.72 -0.39 16.39
HO2 EDO G . -23.20 0.03 18.91
ZN ZN H . 11.11 4.80 -33.96
MN MN I . 6.86 -6.07 -22.81
N6 HEJ J . 2.64 -17.61 -23.51
C6 HEJ J . 2.81 -16.86 -22.41
N1 HEJ J . 2.10 -17.17 -21.31
C2 HEJ J . 2.27 -16.43 -20.21
N3 HEJ J . 3.07 -15.39 -20.02
C4 HEJ J . 3.76 -15.10 -21.13
C5 HEJ J . 3.70 -15.78 -22.34
N7 HEJ J . 4.56 -15.18 -23.26
C8 HEJ J . 5.10 -14.20 -22.60
N9 HEJ J . 4.65 -14.07 -21.32
C1' HEJ J . 5.08 -13.10 -20.31
O4' HEJ J . 4.61 -11.82 -20.68
C4' HEJ J . 5.69 -10.88 -20.62
C5' HEJ J . 5.44 -9.75 -21.57
O5' HEJ J . 5.24 -10.30 -22.90
PA HEJ J . 5.93 -9.60 -24.12
O2A HEJ J . 5.71 -8.10 -23.99
O1A HEJ J . 5.53 -10.12 -25.46
O3A HEJ J . 7.47 -9.87 -23.86
PB HEJ J . 8.60 -9.02 -23.12
O1B HEJ J . 9.26 -9.84 -22.09
O2B HEJ J . 7.99 -7.74 -22.52
O3B HEJ J . 9.64 -8.57 -24.22
PG HEJ J . 9.38 -7.52 -25.41
O3G HEJ J . 10.53 -6.56 -25.40
O2G HEJ J . 8.15 -6.73 -25.02
O1G HEJ J . 9.20 -8.23 -26.66
C3' HEJ J . 6.93 -11.72 -20.90
O3' HEJ J . 8.09 -11.08 -20.38
C2' HEJ J . 6.60 -13.01 -20.13
O31 HEJ J . 7.23 -14.12 -20.77
H1 HEJ J . 1.99 -18.39 -23.52
H2 HEJ J . 3.16 -17.41 -24.37
H3 HEJ J . 1.66 -16.74 -19.36
H4 HEJ J . 5.84 -13.53 -23.02
H5 HEJ J . 4.59 -13.35 -19.37
H6 HEJ J . 5.69 -10.51 -19.60
H7 HEJ J . 4.56 -9.19 -21.27
H8 HEJ J . 6.29 -9.07 -21.59
H13 HEJ J . 7.06 -11.90 -21.96
H14 HEJ J . 7.78 -10.46 -19.68
H15 HEJ J . 6.87 -12.95 -19.08
H16 HEJ J . 7.87 -14.49 -20.11
#